data_7MVW
#
_entry.id   7MVW
#
_cell.length_a   173.541
_cell.length_b   173.541
_cell.length_c   111.124
_cell.angle_alpha   90.000
_cell.angle_beta   90.000
_cell.angle_gamma   120.000
#
_symmetry.space_group_name_H-M   'P 64'
#
loop_
_entity.id
_entity.type
_entity.pdbx_description
1 polymer 'Nucleoporin NUP188'
2 non-polymer GLYCEROL
3 water water
#
_entity_poly.entity_id   1
_entity_poly.type   'polypeptide(L)'
_entity_poly.pdbx_seq_one_letter_code
;GPHNMATLTDRTYLPPLEDCLTGRTVILSWRLVASALEDADLARLTSPALSTFLRDGFVHELLKHPARVFEPKDLKQEFE
TKTSSIQTVAPGVDTIKKDALWLADAVAINQVAALRIVLIEYQTRAHSHLVLPLSTQDVANIQEAAGVGDAHASSILSLL
NPASAVDAETMWCDFETEARRRERILATYLSERRSFTAAVDALVTFLLHSAPGQHKDLDSLRRALLKDAFAFDEDLDVPD
RSKLLTMAPTYMNLVEDCIARAQALPAKLGESFKTEAFELDWLRTAITEAVHSLSIAFQALDLDTPYFAPHELLSEWFEL
MNSSLFLESILGFEVVADLAMPARSLVSAICLKMLNIDRTIQFLHDFDYPDGEEPYLLSSQTLNKIHTAVTNAVNSGVAA
SLPVAFAWSLIVHQMHLGYQERAERRDLLVNQRAQAGFELEFQPSASTPNRRRRNSAGSIVSLEASPYDDFLREQRLDND
IAPVEQIAMLATSRGQVYQVMSEMALCLGTTHEAAFRPAVGARARLVFQDLLKRSAYLIPYQDEPVFSLLAILATGRQYW
DVTDALSASSLNQVYTDMLDDETLFTQFTMQAINRFPYEFNPFSVLCRVLAAALITNKDKADVVTGWLWRTPTLTVDWNP
AWDRSYELCFEDENTNSFRLTRDVDLFGSASPARPRHLAAEERFIIPEGTLGRFVTDVGRTARLEFEHSALALLGKRLEV
KAAEEICDSGMAPLDVDEQAEAVAMLATVLRAESLKSTAKGGDPEAPLKFLKEASRLLPHNKDILTVISDTIDGLVEKEL
LELDGPQIAVLASCLQFLHAALAVCPGRVWAYMSRCALIAGDARPGRLSRITGSLDMYAERFDLLSSAVKLFAALIDSAA
CSAVQRRAGSTALVSVRSAVENPWLGTSEKILSRVALAIAQAALDVYESTTTWRFRSELDRSILVRDVVGLMHKLVVHAH
TLSSHLTSTLSPAAAHIISSFLTPPPSASSLRFQPLLGTLLVALITPRATLYPGQSRILAERVTSVLAFCTSLLRAADFL
GQTHIPLQTHLFQSACLLARLPAANAVYRAPVLELLRALVEVAGRAANGSGEPPSLLGYLGSHAARSFISLVEGIDKPFG
RVEHAVVTWRFFAAVIRN
;
_entity_poly.pdbx_strand_id   A
#
# COMPACT_ATOMS: atom_id res chain seq x y z
N THR A 7 -32.39 26.13 -8.33
CA THR A 7 -33.15 24.93 -8.63
C THR A 7 -32.41 23.68 -8.15
N LEU A 8 -31.76 23.78 -6.99
CA LEU A 8 -31.02 22.68 -6.39
C LEU A 8 -31.80 22.13 -5.22
N THR A 9 -32.19 20.87 -5.30
CA THR A 9 -32.95 20.19 -4.26
C THR A 9 -32.18 18.94 -3.82
N ASP A 10 -32.63 18.38 -2.69
CA ASP A 10 -32.05 17.16 -2.14
C ASP A 10 -32.88 15.93 -2.49
N ARG A 11 -33.64 15.97 -3.58
CA ARG A 11 -34.47 14.82 -3.96
C ARG A 11 -33.63 13.57 -4.12
N THR A 12 -32.43 13.71 -4.69
CA THR A 12 -31.53 12.57 -4.88
C THR A 12 -30.65 12.32 -3.65
N TYR A 13 -30.12 13.39 -3.06
CA TYR A 13 -29.28 13.23 -1.88
C TYR A 13 -30.03 12.53 -0.76
N LEU A 14 -31.30 12.85 -0.57
CA LEU A 14 -32.12 12.27 0.48
C LEU A 14 -33.44 11.80 -0.12
N PRO A 15 -33.64 10.49 -0.29
CA PRO A 15 -34.88 10.00 -0.91
C PRO A 15 -36.09 10.33 -0.06
N PRO A 16 -37.31 10.16 -0.60
CA PRO A 16 -38.51 10.37 0.22
C PRO A 16 -38.53 9.46 1.43
N LEU A 17 -39.14 9.96 2.51
CA LEU A 17 -39.06 9.27 3.80
C LEU A 17 -39.69 7.89 3.75
N GLU A 18 -40.82 7.74 3.06
CA GLU A 18 -41.50 6.45 3.05
C GLU A 18 -40.64 5.39 2.36
N ASP A 19 -39.95 5.77 1.28
CA ASP A 19 -39.07 4.83 0.59
C ASP A 19 -37.92 4.39 1.48
N CYS A 20 -37.41 5.30 2.32
CA CYS A 20 -36.29 4.96 3.20
C CYS A 20 -36.73 3.96 4.28
N LEU A 21 -37.93 4.13 4.82
CA LEU A 21 -38.39 3.30 5.92
C LEU A 21 -38.89 1.93 5.47
N THR A 22 -39.31 1.79 4.21
CA THR A 22 -39.78 0.53 3.68
C THR A 22 -38.67 -0.30 3.05
N GLY A 23 -37.52 0.30 2.76
CA GLY A 23 -36.43 -0.39 2.11
C GLY A 23 -36.44 -0.32 0.60
N ARG A 24 -37.45 0.31 0.00
CA ARG A 24 -37.48 0.41 -1.46
C ARG A 24 -36.29 1.16 -2.01
N THR A 25 -35.72 2.08 -1.22
CA THR A 25 -34.59 2.88 -1.67
C THR A 25 -33.59 3.01 -0.51
N VAL A 26 -32.39 2.47 -0.71
CA VAL A 26 -31.31 2.61 0.26
C VAL A 26 -30.66 3.97 0.08
N ILE A 27 -30.37 4.63 1.20
CA ILE A 27 -29.71 5.93 1.16
C ILE A 27 -28.25 5.74 0.78
N LEU A 28 -27.79 6.53 -0.18
CA LEU A 28 -26.37 6.53 -0.57
C LEU A 28 -25.59 7.28 0.51
N SER A 29 -25.38 6.59 1.62
CA SER A 29 -24.58 7.15 2.70
C SER A 29 -23.18 7.49 2.19
N TRP A 30 -22.55 8.48 2.81
CA TRP A 30 -21.18 8.82 2.43
C TRP A 30 -20.25 7.64 2.62
N ARG A 31 -20.57 6.73 3.55
CA ARG A 31 -19.79 5.51 3.69
C ARG A 31 -19.81 4.70 2.40
N LEU A 32 -21.00 4.54 1.79
CA LEU A 32 -21.09 3.84 0.53
C LEU A 32 -20.40 4.62 -0.60
N VAL A 33 -20.58 5.94 -0.61
CA VAL A 33 -20.00 6.75 -1.68
C VAL A 33 -18.48 6.75 -1.59
N ALA A 34 -17.94 6.85 -0.37
CA ALA A 34 -16.49 6.87 -0.20
C ALA A 34 -15.88 5.54 -0.63
N SER A 35 -16.51 4.43 -0.26
CA SER A 35 -15.97 3.12 -0.63
C SER A 35 -15.84 2.97 -2.14
N ALA A 36 -16.90 3.30 -2.87
CA ALA A 36 -16.86 3.16 -4.32
C ALA A 36 -15.78 4.04 -4.93
N LEU A 37 -15.59 5.25 -4.40
CA LEU A 37 -14.59 6.15 -4.97
C LEU A 37 -13.18 5.72 -4.61
N GLU A 38 -12.96 5.28 -3.37
CA GLU A 38 -11.64 4.79 -2.98
C GLU A 38 -11.22 3.62 -3.85
N ASP A 39 -12.15 2.71 -4.14
CA ASP A 39 -11.88 1.55 -4.97
C ASP A 39 -12.00 1.84 -6.46
N ALA A 40 -12.48 3.02 -6.84
CA ALA A 40 -12.74 3.33 -8.25
C ALA A 40 -13.47 2.17 -8.93
N ASP A 41 -14.48 1.63 -8.24
CA ASP A 41 -15.21 0.48 -8.75
C ASP A 41 -16.08 0.90 -9.92
N LEU A 42 -15.89 0.24 -11.07
CA LEU A 42 -16.65 0.59 -12.27
C LEU A 42 -18.14 0.36 -12.05
N ALA A 43 -18.51 -0.81 -11.53
CA ALA A 43 -19.92 -1.18 -11.46
C ALA A 43 -20.69 -0.29 -10.48
N ARG A 44 -20.05 0.08 -9.37
CA ARG A 44 -20.73 0.93 -8.39
C ARG A 44 -20.82 2.37 -8.87
N LEU A 45 -19.70 2.94 -9.33
CA LEU A 45 -19.71 4.35 -9.71
C LEU A 45 -20.60 4.60 -10.92
N THR A 46 -20.63 3.68 -11.88
CA THR A 46 -21.42 3.88 -13.09
C THR A 46 -22.82 3.29 -12.98
N SER A 47 -23.20 2.80 -11.80
CA SER A 47 -24.58 2.39 -11.60
C SER A 47 -25.49 3.62 -11.60
N PRO A 48 -26.72 3.50 -12.11
CA PRO A 48 -27.59 4.69 -12.17
C PRO A 48 -27.74 5.41 -10.84
N ALA A 49 -27.90 4.67 -9.74
CA ALA A 49 -28.09 5.29 -8.44
C ALA A 49 -26.91 6.19 -8.09
N LEU A 50 -25.71 5.59 -7.99
CA LEU A 50 -24.55 6.37 -7.58
C LEU A 50 -24.09 7.33 -8.68
N SER A 51 -24.39 6.99 -9.95
CA SER A 51 -24.04 7.90 -11.03
C SER A 51 -24.89 9.17 -10.98
N THR A 52 -26.19 9.02 -10.72
CA THR A 52 -27.05 10.19 -10.58
C THR A 52 -26.66 11.00 -9.35
N PHE A 53 -26.31 10.31 -8.26
CA PHE A 53 -25.88 10.99 -7.04
C PHE A 53 -24.69 11.90 -7.32
N LEU A 54 -23.71 11.41 -8.08
CA LEU A 54 -22.49 12.17 -8.31
C LEU A 54 -22.68 13.25 -9.38
N ARG A 55 -23.57 13.03 -10.34
CA ARG A 55 -23.87 14.04 -11.35
C ARG A 55 -24.84 15.10 -10.84
N ASP A 56 -25.37 14.95 -9.63
CA ASP A 56 -26.40 15.84 -9.11
C ASP A 56 -25.80 17.17 -8.67
N GLY A 57 -26.53 18.26 -8.95
CA GLY A 57 -26.00 19.59 -8.66
C GLY A 57 -25.96 19.90 -7.17
N PHE A 58 -26.94 19.40 -6.42
CA PHE A 58 -26.94 19.63 -4.98
C PHE A 58 -25.72 18.99 -4.31
N VAL A 59 -25.38 17.76 -4.72
CA VAL A 59 -24.20 17.12 -4.17
C VAL A 59 -22.95 17.93 -4.47
N HIS A 60 -22.84 18.45 -5.70
CA HIS A 60 -21.68 19.22 -6.09
C HIS A 60 -21.44 20.38 -5.13
N GLU A 61 -22.51 21.11 -4.79
CA GLU A 61 -22.36 22.22 -3.86
C GLU A 61 -21.86 21.76 -2.50
N LEU A 62 -22.27 20.56 -2.07
CA LEU A 62 -21.74 20.01 -0.83
C LEU A 62 -20.24 19.74 -0.94
N LEU A 63 -19.80 19.17 -2.07
CA LEU A 63 -18.39 18.94 -2.28
C LEU A 63 -17.60 20.24 -2.12
N LYS A 64 -18.06 21.30 -2.77
CA LYS A 64 -17.33 22.56 -2.78
C LYS A 64 -17.52 23.35 -1.49
N HIS A 65 -18.64 23.15 -0.80
CA HIS A 65 -18.95 23.84 0.45
C HIS A 65 -19.17 22.78 1.52
N PRO A 66 -18.08 22.22 2.08
CA PRO A 66 -18.25 21.06 2.97
C PRO A 66 -18.91 21.38 4.29
N ALA A 67 -18.90 22.64 4.73
CA ALA A 67 -19.58 22.99 5.97
C ALA A 67 -21.07 22.69 5.88
N ARG A 68 -21.68 22.90 4.71
CA ARG A 68 -23.13 22.80 4.58
C ARG A 68 -23.65 21.41 4.91
N VAL A 69 -22.83 20.38 4.76
CA VAL A 69 -23.31 19.00 4.92
C VAL A 69 -23.97 18.83 6.29
N PHE A 70 -23.32 19.30 7.35
CA PHE A 70 -23.83 19.15 8.70
C PHE A 70 -24.04 20.47 9.42
N GLU A 71 -23.78 21.60 8.77
CA GLU A 71 -23.85 22.88 9.48
C GLU A 71 -25.28 23.13 9.96
N PRO A 72 -25.46 23.58 11.20
CA PRO A 72 -26.82 23.86 11.68
C PRO A 72 -27.42 25.07 10.97
N LYS A 73 -28.72 24.99 10.71
CA LYS A 73 -29.44 26.07 10.07
C LYS A 73 -30.93 25.85 10.30
N ASP A 74 -31.70 26.93 10.14
CA ASP A 74 -33.15 26.85 10.29
C ASP A 74 -33.73 26.12 9.08
N LEU A 75 -34.09 24.86 9.26
CA LEU A 75 -34.74 24.06 8.23
C LEU A 75 -35.93 23.30 8.82
N LYS A 76 -36.60 23.89 9.80
CA LYS A 76 -37.73 23.22 10.42
C LYS A 76 -38.84 22.97 9.41
N GLN A 77 -39.11 23.93 8.53
CA GLN A 77 -40.15 23.74 7.52
C GLN A 77 -39.81 22.55 6.62
N GLU A 78 -38.58 22.49 6.12
CA GLU A 78 -38.17 21.36 5.28
C GLU A 78 -38.24 20.05 6.05
N PHE A 79 -37.84 20.07 7.32
CA PHE A 79 -37.88 18.86 8.14
C PHE A 79 -39.32 18.40 8.37
N GLU A 80 -40.21 19.35 8.70
CA GLU A 80 -41.60 18.98 8.97
C GLU A 80 -42.29 18.49 7.70
N THR A 81 -42.00 19.12 6.55
CA THR A 81 -42.62 18.68 5.30
C THR A 81 -42.11 17.31 4.88
N LYS A 82 -40.85 16.98 5.18
CA LYS A 82 -40.32 15.67 4.83
C LYS A 82 -40.83 14.57 5.75
N THR A 83 -41.21 14.91 6.99
CA THR A 83 -41.67 13.93 7.95
C THR A 83 -43.18 13.89 8.12
N SER A 84 -43.88 14.96 7.74
CA SER A 84 -45.32 15.02 7.92
C SER A 84 -46.04 14.27 6.79
N SER A 85 -47.09 13.55 7.16
CA SER A 85 -47.89 12.79 6.20
C SER A 85 -47.08 11.70 5.52
N ILE A 86 -46.18 11.07 6.28
CA ILE A 86 -45.35 9.98 5.77
C ILE A 86 -44.57 10.47 4.55
N PRO A 91 -45.46 3.89 10.49
CA PRO A 91 -44.68 2.68 10.74
C PRO A 91 -43.35 2.96 11.43
N GLY A 92 -43.42 3.60 12.60
CA GLY A 92 -42.23 3.96 13.36
C GLY A 92 -41.70 5.36 13.09
N VAL A 93 -42.44 6.19 12.36
CA VAL A 93 -41.98 7.55 12.09
C VAL A 93 -41.88 8.36 13.38
N ASP A 94 -42.70 8.02 14.38
CA ASP A 94 -42.63 8.74 15.65
C ASP A 94 -41.23 8.66 16.25
N THR A 95 -40.61 7.47 16.20
CA THR A 95 -39.26 7.32 16.73
C THR A 95 -38.24 8.01 15.85
N ILE A 96 -38.42 7.93 14.52
CA ILE A 96 -37.49 8.57 13.60
C ILE A 96 -37.47 10.08 13.85
N LYS A 97 -38.63 10.73 13.67
CA LYS A 97 -38.71 12.17 13.88
C LYS A 97 -38.16 12.57 15.24
N LYS A 98 -38.43 11.77 16.26
CA LYS A 98 -37.95 12.06 17.61
C LYS A 98 -36.42 12.06 17.65
N ASP A 99 -35.80 11.00 17.15
CA ASP A 99 -34.34 10.90 17.22
C ASP A 99 -33.66 12.00 16.43
N ALA A 100 -34.17 12.30 15.22
CA ALA A 100 -33.56 13.32 14.40
C ALA A 100 -33.50 14.67 15.13
N LEU A 101 -34.58 15.03 15.82
CA LEU A 101 -34.60 16.29 16.54
C LEU A 101 -33.67 16.26 17.75
N TRP A 102 -33.63 15.13 18.47
CA TRP A 102 -32.72 15.00 19.60
C TRP A 102 -31.27 15.11 19.14
N LEU A 103 -30.93 14.49 18.01
CA LEU A 103 -29.57 14.55 17.50
C LEU A 103 -29.24 15.95 17.00
N ALA A 104 -30.15 16.55 16.23
CA ALA A 104 -29.91 17.89 15.69
C ALA A 104 -29.59 18.88 16.80
N ASP A 105 -30.27 18.75 17.95
CA ASP A 105 -30.04 19.66 19.06
C ASP A 105 -28.80 19.27 19.87
N ALA A 106 -28.50 17.97 19.95
CA ALA A 106 -27.42 17.52 20.82
C ALA A 106 -26.06 17.91 20.25
N VAL A 107 -25.85 17.70 18.95
CA VAL A 107 -24.54 17.92 18.34
C VAL A 107 -24.56 19.13 17.41
N ALA A 108 -25.63 19.90 17.38
CA ALA A 108 -25.69 21.16 16.63
C ALA A 108 -25.53 20.93 15.13
N ILE A 109 -26.46 20.15 14.58
CA ILE A 109 -26.54 19.90 13.14
C ILE A 109 -27.96 20.16 12.69
N ASN A 110 -28.12 20.52 11.41
CA ASN A 110 -29.43 20.89 10.92
C ASN A 110 -30.35 19.66 10.86
N GLN A 111 -31.64 19.90 11.05
CA GLN A 111 -32.60 18.81 11.17
C GLN A 111 -32.51 17.84 9.99
N VAL A 112 -32.40 18.37 8.77
CA VAL A 112 -32.40 17.51 7.58
C VAL A 112 -31.19 16.59 7.61
N ALA A 113 -30.01 17.14 7.90
CA ALA A 113 -28.82 16.30 8.02
C ALA A 113 -29.03 15.24 9.10
N ALA A 114 -29.54 15.64 10.26
CA ALA A 114 -29.80 14.67 11.33
C ALA A 114 -30.78 13.61 10.87
N LEU A 115 -31.83 14.02 10.15
CA LEU A 115 -32.79 13.06 9.64
C LEU A 115 -32.11 12.00 8.79
N ARG A 116 -31.15 12.40 7.96
CA ARG A 116 -30.45 11.45 7.10
C ARG A 116 -29.64 10.46 7.94
N ILE A 117 -28.97 10.95 8.99
CA ILE A 117 -28.20 10.08 9.85
C ILE A 117 -29.10 9.05 10.51
N VAL A 118 -30.26 9.47 11.02
CA VAL A 118 -31.16 8.56 11.71
C VAL A 118 -31.69 7.50 10.76
N LEU A 119 -31.86 7.84 9.48
CA LEU A 119 -32.37 6.87 8.52
C LEU A 119 -31.27 5.90 8.08
N ILE A 120 -30.03 6.37 8.02
CA ILE A 120 -28.92 5.46 7.73
C ILE A 120 -28.79 4.43 8.85
N GLU A 121 -28.89 4.87 10.12
CA GLU A 121 -28.85 3.92 11.22
C GLU A 121 -30.00 2.92 11.12
N TYR A 122 -31.19 3.40 10.73
CA TYR A 122 -32.33 2.50 10.61
C TYR A 122 -32.13 1.49 9.49
N GLN A 123 -31.58 1.93 8.36
CA GLN A 123 -31.35 1.03 7.24
C GLN A 123 -30.17 0.10 7.48
N THR A 124 -29.31 0.41 8.44
CA THR A 124 -28.18 -0.43 8.79
C THR A 124 -28.36 -1.07 10.17
N ARG A 125 -29.60 -1.26 10.59
CA ARG A 125 -29.86 -1.84 11.90
C ARG A 125 -29.53 -3.33 11.92
N ALA A 126 -29.92 -4.06 10.86
CA ALA A 126 -29.55 -5.46 10.77
C ALA A 126 -28.04 -5.64 10.70
N HIS A 127 -27.34 -4.67 10.10
CA HIS A 127 -25.87 -4.73 10.08
C HIS A 127 -25.29 -4.52 11.46
N SER A 128 -25.78 -3.51 12.18
CA SER A 128 -25.24 -3.23 13.51
C SER A 128 -25.50 -4.37 14.49
N HIS A 129 -26.58 -5.13 14.28
CA HIS A 129 -26.86 -6.25 15.16
C HIS A 129 -25.89 -7.40 14.91
N LEU A 130 -25.49 -7.61 13.65
CA LEU A 130 -24.60 -8.72 13.32
C LEU A 130 -23.15 -8.44 13.69
N VAL A 131 -22.79 -7.19 13.98
CA VAL A 131 -21.42 -6.87 14.36
C VAL A 131 -21.30 -6.79 15.88
N LEU A 132 -22.32 -7.26 16.58
CA LEU A 132 -22.24 -7.30 18.03
C LEU A 132 -21.35 -8.46 18.48
N PRO A 133 -20.77 -8.37 19.68
CA PRO A 133 -20.00 -9.51 20.20
C PRO A 133 -20.82 -10.79 20.17
N LEU A 134 -20.15 -11.90 19.89
CA LEU A 134 -20.83 -13.18 19.76
C LEU A 134 -21.47 -13.57 21.08
N SER A 135 -22.61 -14.26 20.98
CA SER A 135 -23.35 -14.69 22.15
C SER A 135 -22.70 -15.92 22.76
N THR A 136 -23.20 -16.31 23.94
CA THR A 136 -22.69 -17.50 24.61
C THR A 136 -22.81 -18.72 23.71
N GLN A 137 -23.93 -18.85 23.01
CA GLN A 137 -24.13 -20.00 22.14
C GLN A 137 -23.17 -19.96 20.94
N ASP A 138 -23.06 -18.79 20.30
CA ASP A 138 -22.14 -18.67 19.17
C ASP A 138 -20.72 -19.01 19.57
N VAL A 139 -20.27 -18.53 20.73
CA VAL A 139 -18.92 -18.86 21.20
C VAL A 139 -18.75 -20.36 21.31
N ALA A 140 -19.70 -21.04 21.95
CA ALA A 140 -19.63 -22.49 22.07
C ALA A 140 -19.50 -23.15 20.70
N ASN A 141 -20.27 -22.67 19.72
CA ASN A 141 -20.20 -23.25 18.38
C ASN A 141 -18.80 -23.12 17.80
N ILE A 142 -18.24 -21.90 17.83
CA ILE A 142 -16.91 -21.71 17.24
C ILE A 142 -15.84 -22.37 18.09
N GLN A 143 -16.08 -22.53 19.39
CA GLN A 143 -15.14 -23.28 20.23
C GLN A 143 -15.04 -24.73 19.73
N GLU A 144 -16.17 -25.33 19.36
CA GLU A 144 -16.13 -26.67 18.77
C GLU A 144 -15.49 -26.62 17.38
N ALA A 145 -15.76 -25.56 16.62
CA ALA A 145 -15.13 -25.42 15.31
C ALA A 145 -13.61 -25.34 15.43
N ALA A 146 -13.11 -24.72 16.51
CA ALA A 146 -11.67 -24.68 16.73
C ALA A 146 -11.09 -26.09 16.72
N GLY A 147 -11.83 -27.06 17.25
CA GLY A 147 -11.43 -28.44 17.21
C GLY A 147 -10.94 -28.95 18.56
N VAL A 148 -10.50 -30.21 18.55
CA VAL A 148 -10.04 -30.86 19.76
C VAL A 148 -8.79 -30.17 20.30
N GLY A 149 -7.92 -29.70 19.41
CA GLY A 149 -6.69 -29.06 19.83
C GLY A 149 -6.95 -27.82 20.66
N ASP A 150 -5.85 -27.30 21.22
CA ASP A 150 -5.91 -26.10 22.05
C ASP A 150 -6.55 -24.94 21.30
N LEU A 157 -2.66 -17.27 15.96
CA LEU A 157 -2.89 -17.75 17.32
C LEU A 157 -4.39 -17.80 17.60
N SER A 158 -5.12 -16.84 17.03
CA SER A 158 -6.58 -16.81 17.09
C SER A 158 -7.08 -16.87 18.53
N LEU A 159 -6.58 -15.97 19.37
CA LEU A 159 -7.06 -15.86 20.73
C LEU A 159 -8.48 -15.30 20.73
N LEU A 160 -9.42 -16.09 21.20
CA LEU A 160 -10.83 -15.73 21.11
C LEU A 160 -11.19 -14.67 22.17
N ASN A 161 -12.33 -14.02 21.95
CA ASN A 161 -12.79 -12.96 22.83
C ASN A 161 -13.10 -13.55 24.21
N PRO A 162 -13.32 -12.70 25.21
CA PRO A 162 -13.51 -13.20 26.58
C PRO A 162 -14.92 -13.74 26.80
N ALA A 163 -15.11 -14.31 27.98
CA ALA A 163 -16.37 -14.96 28.35
C ALA A 163 -17.46 -13.98 28.75
N SER A 164 -17.24 -12.68 28.58
CA SER A 164 -18.27 -11.70 28.91
C SER A 164 -19.51 -11.85 28.05
N ALA A 165 -19.48 -12.70 27.02
CA ALA A 165 -20.65 -12.93 26.19
C ALA A 165 -21.83 -13.36 27.04
N VAL A 166 -23.02 -12.95 26.62
CA VAL A 166 -24.27 -13.24 27.31
C VAL A 166 -25.24 -13.87 26.32
N ASP A 167 -26.42 -14.24 26.79
CA ASP A 167 -27.42 -14.87 25.93
C ASP A 167 -27.77 -13.97 24.76
N ALA A 168 -28.11 -14.60 23.63
CA ALA A 168 -28.51 -13.85 22.44
C ALA A 168 -29.75 -13.00 22.71
N GLU A 169 -30.74 -13.57 23.41
CA GLU A 169 -31.97 -12.83 23.72
C GLU A 169 -31.65 -11.58 24.54
N THR A 170 -30.80 -11.71 25.55
CA THR A 170 -30.47 -10.57 26.40
C THR A 170 -29.91 -9.42 25.57
N MET A 171 -28.97 -9.73 24.67
CA MET A 171 -28.38 -8.68 23.84
C MET A 171 -29.43 -8.02 22.95
N TRP A 172 -30.32 -8.81 22.34
CA TRP A 172 -31.33 -8.25 21.46
C TRP A 172 -32.18 -7.23 22.18
N CYS A 173 -32.63 -7.56 23.40
CA CYS A 173 -33.45 -6.62 24.17
C CYS A 173 -32.67 -5.34 24.46
N ASP A 174 -31.38 -5.46 24.80
CA ASP A 174 -30.56 -4.28 25.02
C ASP A 174 -30.34 -3.52 23.72
N PHE A 175 -30.22 -4.24 22.60
CA PHE A 175 -29.98 -3.59 21.31
C PHE A 175 -31.14 -2.70 20.89
N GLU A 176 -32.35 -3.00 21.38
CA GLU A 176 -33.54 -2.25 20.99
C GLU A 176 -33.83 -1.05 21.89
N THR A 177 -33.09 -0.89 22.99
CA THR A 177 -33.36 0.20 23.91
C THR A 177 -32.99 1.54 23.30
N GLU A 178 -33.66 2.59 23.79
CA GLU A 178 -33.37 3.95 23.32
C GLU A 178 -31.90 4.29 23.53
N ALA A 179 -31.32 3.84 24.64
CA ALA A 179 -29.93 4.18 24.95
C ALA A 179 -28.99 3.67 23.87
N ARG A 180 -29.12 2.39 23.51
CA ARG A 180 -28.24 1.81 22.49
C ARG A 180 -28.51 2.43 21.13
N ARG A 181 -29.79 2.57 20.75
CA ARG A 181 -30.12 3.15 19.46
C ARG A 181 -29.47 4.52 19.30
N ARG A 182 -29.52 5.34 20.35
CA ARG A 182 -28.90 6.65 20.31
C ARG A 182 -27.39 6.55 20.13
N GLU A 183 -26.76 5.55 20.76
CA GLU A 183 -25.33 5.35 20.58
C GLU A 183 -25.00 5.04 19.12
N ARG A 184 -25.77 4.14 18.51
CA ARG A 184 -25.53 3.79 17.11
C ARG A 184 -25.77 5.01 16.21
N ILE A 185 -26.75 5.84 16.54
CA ILE A 185 -27.00 7.05 15.77
C ILE A 185 -25.80 7.99 15.87
N LEU A 186 -25.30 8.20 17.09
CA LEU A 186 -24.09 9.00 17.26
C LEU A 186 -22.93 8.41 16.48
N ALA A 187 -22.73 7.09 16.59
CA ALA A 187 -21.68 6.43 15.85
C ALA A 187 -21.84 6.68 14.35
N THR A 188 -23.06 6.54 13.84
CA THR A 188 -23.31 6.79 12.42
C THR A 188 -22.96 8.22 12.05
N TYR A 189 -23.38 9.19 12.87
CA TYR A 189 -23.05 10.59 12.62
C TYR A 189 -21.55 10.76 12.41
N LEU A 190 -20.75 10.29 13.36
CA LEU A 190 -19.31 10.42 13.23
C LEU A 190 -18.79 9.64 12.03
N SER A 191 -19.38 8.47 11.76
CA SER A 191 -18.97 7.69 10.60
C SER A 191 -19.19 8.46 9.30
N GLU A 192 -20.32 9.15 9.20
CA GLU A 192 -20.59 9.93 7.99
C GLU A 192 -19.67 11.14 7.88
N ARG A 193 -19.26 11.72 9.01
CA ARG A 193 -18.29 12.81 8.97
C ARG A 193 -16.97 12.34 8.36
N ARG A 194 -16.47 11.19 8.82
CA ARG A 194 -15.24 10.64 8.24
C ARG A 194 -15.44 10.28 6.78
N SER A 195 -16.55 9.61 6.47
CA SER A 195 -16.75 9.10 5.12
C SER A 195 -17.01 10.20 4.11
N PHE A 196 -17.50 11.37 4.54
CA PHE A 196 -17.70 12.46 3.60
C PHE A 196 -16.36 13.07 3.19
N THR A 197 -15.52 13.41 4.17
CA THR A 197 -14.18 13.89 3.84
C THR A 197 -13.42 12.87 2.99
N ALA A 198 -13.57 11.59 3.30
CA ALA A 198 -12.90 10.55 2.53
C ALA A 198 -13.43 10.51 1.10
N ALA A 199 -14.75 10.59 0.94
CA ALA A 199 -15.33 10.53 -0.41
C ALA A 199 -14.85 11.70 -1.27
N VAL A 200 -14.78 12.90 -0.68
CA VAL A 200 -14.24 14.03 -1.42
C VAL A 200 -12.78 13.81 -1.74
N ASP A 201 -12.02 13.32 -0.75
CA ASP A 201 -10.61 12.99 -0.96
C ASP A 201 -10.44 12.06 -2.15
N ALA A 202 -11.05 10.88 -2.09
CA ALA A 202 -10.95 9.94 -3.21
C ALA A 202 -11.48 10.55 -4.49
N LEU A 203 -12.54 11.36 -4.39
CA LEU A 203 -13.12 11.99 -5.57
C LEU A 203 -12.07 12.82 -6.31
N VAL A 204 -11.36 13.69 -5.59
CA VAL A 204 -10.36 14.54 -6.22
C VAL A 204 -9.34 13.68 -6.96
N THR A 205 -8.86 12.61 -6.31
CA THR A 205 -7.92 11.72 -6.97
C THR A 205 -8.53 11.11 -8.23
N PHE A 206 -9.78 10.63 -8.13
CA PHE A 206 -10.46 10.08 -9.29
C PHE A 206 -10.54 11.08 -10.42
N LEU A 207 -10.64 12.37 -10.11
CA LEU A 207 -10.79 13.38 -11.15
C LEU A 207 -9.44 13.80 -11.72
N LEU A 208 -8.42 13.95 -10.87
CA LEU A 208 -7.15 14.52 -11.32
C LEU A 208 -6.12 13.47 -11.71
N HIS A 209 -6.19 12.26 -11.16
CA HIS A 209 -5.12 11.27 -11.36
C HIS A 209 -5.72 9.88 -11.59
N SER A 210 -6.58 9.76 -12.59
CA SER A 210 -7.07 8.45 -13.00
C SER A 210 -6.14 7.84 -14.02
N ALA A 211 -6.14 6.51 -14.08
CA ALA A 211 -5.22 5.83 -14.99
C ALA A 211 -5.72 5.91 -16.43
N PRO A 212 -4.83 5.92 -17.40
CA PRO A 212 -5.26 5.84 -18.81
C PRO A 212 -6.05 4.58 -19.06
N GLY A 213 -6.63 4.50 -20.26
CA GLY A 213 -7.43 3.34 -20.61
C GLY A 213 -8.66 3.16 -19.75
N GLN A 214 -9.09 4.21 -19.05
CA GLN A 214 -10.26 4.12 -18.21
C GLN A 214 -11.49 3.77 -19.04
N HIS A 215 -12.42 3.06 -18.42
CA HIS A 215 -13.62 2.62 -19.13
C HIS A 215 -14.42 3.82 -19.62
N LYS A 216 -15.08 3.63 -20.76
CA LYS A 216 -15.81 4.74 -21.40
C LYS A 216 -16.76 5.41 -20.43
N ASP A 217 -17.65 4.63 -19.80
CA ASP A 217 -18.61 5.21 -18.87
C ASP A 217 -17.92 5.93 -17.72
N LEU A 218 -16.89 5.28 -17.15
CA LEU A 218 -16.19 5.89 -16.02
C LEU A 218 -15.53 7.20 -16.42
N ASP A 219 -14.98 7.26 -17.64
CA ASP A 219 -14.41 8.50 -18.14
C ASP A 219 -15.48 9.57 -18.30
N SER A 220 -16.66 9.19 -18.79
CA SER A 220 -17.76 10.13 -18.94
C SER A 220 -18.14 10.74 -17.59
N LEU A 221 -18.19 9.91 -16.55
CA LEU A 221 -18.53 10.41 -15.22
C LEU A 221 -17.45 11.35 -14.70
N ARG A 222 -16.18 11.02 -14.95
CA ARG A 222 -15.08 11.89 -14.51
C ARG A 222 -15.17 13.26 -15.17
N ARG A 223 -15.32 13.28 -16.50
CA ARG A 223 -15.38 14.55 -17.21
C ARG A 223 -16.63 15.35 -16.82
N ALA A 224 -17.78 14.66 -16.68
CA ALA A 224 -19.00 15.36 -16.32
C ALA A 224 -18.89 16.01 -14.95
N LEU A 225 -18.10 15.45 -14.05
CA LEU A 225 -17.91 16.05 -12.74
C LEU A 225 -16.98 17.26 -12.83
N LEU A 226 -15.87 17.13 -13.55
CA LEU A 226 -14.94 18.25 -13.69
C LEU A 226 -15.61 19.44 -14.35
N LYS A 227 -16.47 19.19 -15.34
CA LYS A 227 -17.07 20.28 -16.12
C LYS A 227 -18.25 20.90 -15.38
N ASP A 228 -19.17 20.08 -14.88
CA ASP A 228 -20.37 20.61 -14.24
C ASP A 228 -20.08 21.15 -12.85
N ALA A 229 -19.25 20.46 -12.07
CA ALA A 229 -19.02 20.84 -10.68
C ALA A 229 -17.86 21.82 -10.51
N PHE A 230 -16.91 21.86 -11.44
CA PHE A 230 -15.73 22.70 -11.30
C PHE A 230 -15.43 23.55 -12.52
N ALA A 231 -16.28 23.53 -13.56
CA ALA A 231 -16.04 24.30 -14.78
C ALA A 231 -14.65 24.01 -15.34
N PHE A 232 -14.28 22.74 -15.35
CA PHE A 232 -12.98 22.26 -15.82
C PHE A 232 -13.22 21.40 -17.05
N ASP A 233 -13.18 22.02 -18.22
CA ASP A 233 -13.50 21.37 -19.48
C ASP A 233 -12.21 20.93 -20.16
N GLU A 234 -11.96 19.62 -20.17
CA GLU A 234 -10.74 19.09 -20.77
C GLU A 234 -10.70 19.30 -22.28
N ASP A 235 -11.85 19.55 -22.92
CA ASP A 235 -11.87 19.82 -24.35
C ASP A 235 -11.19 21.13 -24.72
N LEU A 236 -10.80 21.94 -23.74
CA LEU A 236 -10.09 23.18 -23.98
C LEU A 236 -8.58 22.97 -23.90
N ASP A 237 -7.84 23.77 -24.67
CA ASP A 237 -6.39 23.69 -24.63
C ASP A 237 -5.86 24.00 -23.23
N VAL A 238 -6.55 24.87 -22.49
CA VAL A 238 -6.16 25.19 -21.12
C VAL A 238 -7.43 25.35 -20.30
N PRO A 239 -7.89 24.31 -19.59
CA PRO A 239 -9.12 24.44 -18.80
C PRO A 239 -8.92 25.37 -17.61
N ASP A 240 -10.05 25.85 -17.10
CA ASP A 240 -10.06 26.78 -15.97
C ASP A 240 -10.03 25.98 -14.67
N ARG A 241 -8.95 26.13 -13.90
CA ARG A 241 -8.76 25.41 -12.66
C ARG A 241 -9.19 26.22 -11.44
N SER A 242 -9.91 27.32 -11.65
CA SER A 242 -10.24 28.22 -10.54
C SER A 242 -10.99 27.49 -9.43
N LYS A 243 -12.09 26.82 -9.77
CA LYS A 243 -12.92 26.21 -8.74
C LYS A 243 -12.19 25.08 -8.02
N LEU A 244 -11.31 24.37 -8.72
CA LEU A 244 -10.56 23.29 -8.06
C LEU A 244 -9.58 23.85 -7.04
N LEU A 245 -8.87 24.93 -7.37
CA LEU A 245 -7.88 25.48 -6.47
C LEU A 245 -8.52 26.01 -5.18
N THR A 246 -9.75 26.52 -5.26
CA THR A 246 -10.42 27.01 -4.07
C THR A 246 -10.69 25.91 -3.06
N MET A 247 -10.58 24.64 -3.47
CA MET A 247 -10.77 23.53 -2.53
C MET A 247 -9.72 23.56 -1.42
N ALA A 248 -8.51 24.04 -1.71
CA ALA A 248 -7.48 24.13 -0.68
C ALA A 248 -7.91 25.03 0.47
N PRO A 249 -8.11 26.34 0.26
CA PRO A 249 -8.58 27.16 1.38
C PRO A 249 -9.90 26.68 1.96
N THR A 250 -10.78 26.13 1.12
CA THR A 250 -12.03 25.58 1.63
C THR A 250 -11.78 24.51 2.68
N TYR A 251 -10.99 23.49 2.34
CA TYR A 251 -10.72 22.39 3.25
C TYR A 251 -9.58 22.68 4.20
N MET A 252 -8.77 23.71 3.95
CA MET A 252 -7.85 24.18 4.96
C MET A 252 -8.60 24.80 6.13
N ASN A 253 -9.63 25.60 5.84
CA ASN A 253 -10.49 26.13 6.90
C ASN A 253 -11.19 25.01 7.65
N LEU A 254 -11.47 23.89 6.96
CA LEU A 254 -12.09 22.77 7.65
C LEU A 254 -11.11 22.09 8.62
N VAL A 255 -9.82 22.10 8.29
CA VAL A 255 -8.83 21.55 9.22
C VAL A 255 -8.87 22.32 10.54
N GLU A 256 -9.06 23.63 10.47
CA GLU A 256 -9.16 24.43 11.69
C GLU A 256 -10.38 24.03 12.51
N ASP A 257 -11.50 23.75 11.83
CA ASP A 257 -12.70 23.33 12.55
C ASP A 257 -12.47 22.01 13.26
N CYS A 258 -11.71 21.10 12.63
CA CYS A 258 -11.42 19.81 13.26
C CYS A 258 -10.57 19.98 14.50
N ILE A 259 -9.61 20.92 14.47
CA ILE A 259 -8.82 21.23 15.65
C ILE A 259 -9.74 21.62 16.80
N ALA A 260 -10.74 22.47 16.53
CA ALA A 260 -11.63 22.93 17.59
C ALA A 260 -12.49 21.79 18.13
N ARG A 261 -13.12 21.03 17.23
CA ARG A 261 -14.00 19.96 17.69
C ARG A 261 -13.23 18.94 18.53
N ALA A 262 -12.01 18.61 18.12
CA ALA A 262 -11.23 17.61 18.85
C ALA A 262 -11.00 18.03 20.30
N GLN A 263 -11.02 19.33 20.57
CA GLN A 263 -10.74 19.86 21.91
C GLN A 263 -12.00 20.17 22.69
N ALA A 264 -13.17 19.95 22.12
CA ALA A 264 -14.43 20.30 22.79
C ALA A 264 -15.52 19.35 22.33
N LEU A 265 -16.08 18.59 23.27
CA LEU A 265 -17.18 17.70 22.98
C LEU A 265 -18.48 18.50 22.82
N PRO A 266 -19.51 17.89 22.21
CA PRO A 266 -20.79 18.60 22.09
C PRO A 266 -21.30 19.07 23.44
N ALA A 267 -21.81 20.30 23.47
CA ALA A 267 -22.22 20.92 24.72
C ALA A 267 -23.50 20.29 25.26
N LYS A 268 -24.50 20.12 24.40
CA LYS A 268 -25.83 19.73 24.86
C LYS A 268 -26.00 18.21 25.04
N LEU A 269 -25.12 17.41 24.45
CA LEU A 269 -25.23 15.97 24.61
C LEU A 269 -25.09 15.58 26.08
N GLY A 270 -25.81 14.53 26.47
CA GLY A 270 -25.85 14.13 27.87
C GLY A 270 -24.68 13.24 28.26
N GLU A 271 -24.33 13.29 29.54
CA GLU A 271 -23.20 12.50 30.04
C GLU A 271 -23.50 11.00 30.01
N SER A 272 -24.76 10.61 29.91
CA SER A 272 -25.08 9.20 29.69
C SER A 272 -24.37 8.68 28.45
N PHE A 273 -24.27 9.50 27.42
CA PHE A 273 -23.69 9.09 26.14
C PHE A 273 -22.22 9.46 26.01
N LYS A 274 -21.69 10.34 26.86
CA LYS A 274 -20.30 10.77 26.76
C LYS A 274 -19.39 9.77 27.49
N THR A 275 -19.36 8.56 26.95
CA THR A 275 -18.50 7.51 27.50
C THR A 275 -17.13 7.57 26.85
N GLU A 276 -16.17 6.89 27.48
CA GLU A 276 -14.81 6.85 26.96
C GLU A 276 -14.77 6.35 25.52
N ALA A 277 -15.68 5.45 25.17
CA ALA A 277 -15.76 4.97 23.79
C ALA A 277 -16.15 6.08 22.83
N PHE A 278 -17.02 7.01 23.27
CA PHE A 278 -17.42 8.12 22.42
C PHE A 278 -16.34 9.18 22.34
N GLU A 279 -15.67 9.47 23.45
CA GLU A 279 -14.60 10.47 23.43
C GLU A 279 -13.52 10.10 22.41
N LEU A 280 -13.14 8.83 22.36
CA LEU A 280 -12.14 8.39 21.39
C LEU A 280 -12.67 8.50 19.97
N ASP A 281 -13.90 8.02 19.74
CA ASP A 281 -14.49 8.14 18.41
C ASP A 281 -14.57 9.60 17.97
N TRP A 282 -14.94 10.49 18.90
CA TRP A 282 -15.01 11.91 18.57
C TRP A 282 -13.64 12.45 18.17
N LEU A 283 -12.59 12.07 18.92
CA LEU A 283 -11.24 12.54 18.60
C LEU A 283 -10.77 11.97 17.27
N ARG A 284 -10.83 10.65 17.12
CA ARG A 284 -10.36 10.02 15.88
C ARG A 284 -11.10 10.57 14.66
N THR A 285 -12.39 10.85 14.82
CA THR A 285 -13.15 11.44 13.71
C THR A 285 -12.58 12.78 13.30
N ALA A 286 -12.22 13.62 14.28
CA ALA A 286 -11.67 14.93 13.97
C ALA A 286 -10.33 14.80 13.25
N ILE A 287 -9.48 13.87 13.70
CA ILE A 287 -8.19 13.67 13.05
C ILE A 287 -8.38 13.17 11.63
N THR A 288 -9.26 12.17 11.47
CA THR A 288 -9.50 11.61 10.14
C THR A 288 -9.99 12.68 9.17
N GLU A 289 -10.97 13.49 9.59
CA GLU A 289 -11.44 14.58 8.74
C GLU A 289 -10.31 15.50 8.36
N ALA A 290 -9.40 15.79 9.31
CA ALA A 290 -8.29 16.67 9.02
C ALA A 290 -7.34 16.06 7.98
N VAL A 291 -7.05 14.77 8.10
CA VAL A 291 -6.15 14.12 7.16
C VAL A 291 -6.73 14.18 5.74
N HIS A 292 -7.96 13.69 5.57
CA HIS A 292 -8.61 13.76 4.26
C HIS A 292 -8.77 15.20 3.81
N SER A 293 -8.96 16.13 4.74
CA SER A 293 -8.99 17.55 4.36
C SER A 293 -7.61 18.02 3.90
N LEU A 294 -6.56 17.60 4.59
CA LEU A 294 -5.20 17.90 4.15
C LEU A 294 -4.93 17.25 2.79
N SER A 295 -5.39 16.02 2.61
CA SER A 295 -5.19 15.34 1.32
C SER A 295 -5.91 16.08 0.20
N ILE A 296 -7.11 16.58 0.47
CA ILE A 296 -7.85 17.34 -0.54
C ILE A 296 -7.12 18.64 -0.85
N ALA A 297 -6.74 19.37 0.19
CA ALA A 297 -6.07 20.66 -0.03
C ALA A 297 -4.75 20.48 -0.76
N PHE A 298 -4.02 19.40 -0.47
CA PHE A 298 -2.74 19.19 -1.12
C PHE A 298 -2.92 18.92 -2.60
N GLN A 299 -3.79 17.98 -2.95
CA GLN A 299 -4.05 17.71 -4.37
C GLN A 299 -4.52 18.96 -5.10
N ALA A 300 -5.28 19.82 -4.42
CA ALA A 300 -5.71 21.07 -5.04
C ALA A 300 -4.51 21.97 -5.33
N LEU A 301 -3.67 22.20 -4.32
CA LEU A 301 -2.46 23.00 -4.53
C LEU A 301 -1.58 22.39 -5.61
N ASP A 302 -1.48 21.07 -5.63
CA ASP A 302 -0.66 20.39 -6.61
C ASP A 302 -1.11 20.65 -8.04
N LEU A 303 -2.38 20.95 -8.24
CA LEU A 303 -2.88 21.16 -9.58
C LEU A 303 -2.11 22.34 -10.16
N ASP A 304 -1.93 23.39 -9.37
CA ASP A 304 -1.13 24.54 -9.79
C ASP A 304 0.30 24.35 -9.31
N THR A 305 1.00 23.32 -9.79
CA THR A 305 2.34 23.03 -9.25
C THR A 305 3.43 24.07 -9.42
N PRO A 306 3.62 24.59 -10.64
CA PRO A 306 4.73 25.54 -10.75
C PRO A 306 4.50 26.84 -10.03
N TYR A 307 3.28 27.36 -10.09
CA TYR A 307 2.99 28.68 -9.54
C TYR A 307 2.89 28.81 -8.04
N PHE A 308 3.05 30.04 -7.54
CA PHE A 308 2.97 30.31 -6.11
C PHE A 308 1.54 30.41 -5.60
N ALA A 309 1.35 30.21 -4.30
CA ALA A 309 0.03 30.40 -3.70
C ALA A 309 -0.11 31.83 -3.19
N PRO A 310 -1.34 32.33 -3.08
CA PRO A 310 -1.51 33.69 -2.55
C PRO A 310 -0.92 33.83 -1.16
N HIS A 311 -0.15 34.90 -0.96
CA HIS A 311 0.54 35.09 0.31
C HIS A 311 -0.43 35.09 1.48
N GLU A 312 -1.67 35.53 1.26
CA GLU A 312 -2.66 35.55 2.34
C GLU A 312 -3.00 34.14 2.81
N LEU A 313 -2.88 33.14 1.92
CA LEU A 313 -3.18 31.77 2.33
C LEU A 313 -2.10 31.25 3.28
N LEU A 314 -0.83 31.47 2.94
CA LEU A 314 0.25 31.07 3.84
C LEU A 314 0.13 31.79 5.18
N SER A 315 -0.14 33.10 5.14
CA SER A 315 -0.27 33.87 6.37
C SER A 315 -1.35 33.27 7.27
N GLU A 316 -2.51 32.97 6.70
CA GLU A 316 -3.57 32.34 7.49
C GLU A 316 -3.17 30.95 7.95
N TRP A 317 -2.55 30.16 7.07
CA TRP A 317 -2.23 28.78 7.40
C TRP A 317 -1.20 28.69 8.51
N PHE A 318 -0.02 29.28 8.31
CA PHE A 318 1.03 29.18 9.31
C PHE A 318 0.63 29.81 10.63
N GLU A 319 -0.32 30.74 10.63
CA GLU A 319 -0.88 31.21 11.89
C GLU A 319 -1.56 30.07 12.63
N LEU A 320 -2.17 29.13 11.91
CA LEU A 320 -2.79 27.97 12.54
C LEU A 320 -1.74 26.94 12.96
N MET A 321 -0.70 26.75 12.14
CA MET A 321 0.38 25.87 12.54
C MET A 321 1.05 26.33 13.82
N ASN A 322 1.00 27.64 14.10
CA ASN A 322 1.62 28.18 15.31
C ASN A 322 0.81 27.82 16.55
N SER A 323 -0.50 28.06 16.51
CA SER A 323 -1.34 27.84 17.68
C SER A 323 -1.48 26.34 18.00
N SER A 324 -1.36 25.48 16.99
CA SER A 324 -1.52 24.05 17.18
C SER A 324 -0.21 23.28 17.03
N LEU A 325 0.91 23.96 16.85
CA LEU A 325 2.21 23.31 16.65
C LEU A 325 2.12 22.26 15.56
N PHE A 326 1.68 22.71 14.39
CA PHE A 326 1.50 21.83 13.23
C PHE A 326 0.64 20.62 13.60
N LEU A 327 -0.48 20.91 14.26
CA LEU A 327 -1.49 19.93 14.65
C LEU A 327 -1.01 18.97 15.73
N GLU A 328 0.13 19.24 16.37
CA GLU A 328 0.58 18.38 17.46
C GLU A 328 -0.34 18.48 18.68
N SER A 329 -1.13 19.55 18.78
CA SER A 329 -2.09 19.67 19.87
C SER A 329 -3.14 18.57 19.83
N ILE A 330 -3.35 17.96 18.66
CA ILE A 330 -4.42 16.98 18.47
C ILE A 330 -3.87 15.57 18.56
N LEU A 331 -2.59 15.40 18.20
CA LEU A 331 -1.99 14.09 18.04
C LEU A 331 -1.12 13.68 19.23
N GLY A 332 -1.31 14.32 20.39
CA GLY A 332 -0.50 14.02 21.55
C GLY A 332 -0.80 12.68 22.19
N PHE A 333 -1.97 12.11 21.91
CA PHE A 333 -2.35 10.84 22.53
C PHE A 333 -1.78 9.67 21.75
N GLU A 334 -1.56 8.56 22.47
CA GLU A 334 -1.00 7.37 21.84
C GLU A 334 -2.07 6.58 21.08
N VAL A 335 -3.33 6.66 21.50
CA VAL A 335 -4.40 5.93 20.84
C VAL A 335 -4.66 6.41 19.41
N VAL A 336 -4.11 7.55 19.03
CA VAL A 336 -4.27 8.08 17.68
C VAL A 336 -2.96 7.98 16.89
N ALA A 337 -2.04 7.12 17.33
CA ALA A 337 -0.74 7.01 16.67
C ALA A 337 -0.90 6.62 15.20
N ASP A 338 -1.80 5.67 14.91
CA ASP A 338 -1.99 5.23 13.53
C ASP A 338 -2.49 6.36 12.65
N LEU A 339 -3.13 7.37 13.22
CA LEU A 339 -3.56 8.55 12.47
C LEU A 339 -2.59 9.72 12.57
N ALA A 340 -1.68 9.69 13.55
CA ALA A 340 -0.73 10.79 13.71
C ALA A 340 0.23 10.87 12.52
N MET A 341 0.85 9.75 12.17
CA MET A 341 1.79 9.75 11.06
C MET A 341 1.16 10.26 9.77
N PRO A 342 0.01 9.74 9.33
CA PRO A 342 -0.64 10.34 8.16
C PRO A 342 -0.80 11.85 8.25
N ALA A 343 -1.26 12.35 9.40
CA ALA A 343 -1.43 13.79 9.57
C ALA A 343 -0.10 14.51 9.44
N ARG A 344 0.89 14.13 10.25
CA ARG A 344 2.19 14.79 10.22
C ARG A 344 2.79 14.78 8.82
N SER A 345 2.65 13.65 8.11
CA SER A 345 3.23 13.56 6.77
C SER A 345 2.61 14.58 5.82
N LEU A 346 1.28 14.73 5.85
CA LEU A 346 0.64 15.68 4.95
C LEU A 346 0.77 17.12 5.43
N VAL A 347 0.82 17.35 6.74
CA VAL A 347 1.09 18.70 7.23
C VAL A 347 2.46 19.16 6.74
N SER A 348 3.49 18.33 6.94
CA SER A 348 4.81 18.66 6.44
C SER A 348 4.79 18.82 4.92
N ALA A 349 4.13 17.91 4.22
CA ALA A 349 4.10 17.97 2.76
C ALA A 349 3.40 19.23 2.27
N ILE A 350 2.24 19.55 2.86
CA ILE A 350 1.47 20.69 2.37
C ILE A 350 2.16 22.00 2.74
N CYS A 351 2.88 22.04 3.86
CA CYS A 351 3.65 23.22 4.21
C CYS A 351 4.78 23.44 3.22
N LEU A 352 5.54 22.39 2.91
CA LEU A 352 6.62 22.50 1.93
C LEU A 352 6.08 22.90 0.58
N LYS A 353 4.91 22.38 0.20
CA LYS A 353 4.32 22.71 -1.09
C LYS A 353 4.08 24.21 -1.21
N MET A 354 3.53 24.83 -0.16
CA MET A 354 3.25 26.27 -0.21
C MET A 354 4.53 27.09 -0.21
N LEU A 355 5.51 26.71 0.62
CA LEU A 355 6.78 27.42 0.63
C LEU A 355 7.43 27.40 -0.75
N ASN A 356 7.34 26.27 -1.45
CA ASN A 356 7.86 26.13 -2.81
C ASN A 356 9.32 26.57 -2.85
N ILE A 357 10.15 25.85 -2.10
CA ILE A 357 11.55 26.22 -1.93
C ILE A 357 12.24 26.36 -3.30
N ASP A 358 11.87 25.50 -4.26
CA ASP A 358 12.55 25.52 -5.56
C ASP A 358 12.30 26.85 -6.27
N ARG A 359 11.03 27.23 -6.41
CA ARG A 359 10.70 28.50 -7.06
C ARG A 359 10.94 29.70 -6.16
N THR A 360 11.02 29.50 -4.85
CA THR A 360 11.34 30.60 -3.94
C THR A 360 12.80 31.02 -4.10
N ILE A 361 13.73 30.09 -3.91
CA ILE A 361 15.15 30.40 -4.07
C ILE A 361 15.43 30.88 -5.49
N GLN A 362 14.78 30.25 -6.48
CA GLN A 362 15.00 30.67 -7.87
C GLN A 362 14.55 32.10 -8.10
N PHE A 363 13.56 32.57 -7.34
CA PHE A 363 13.13 33.96 -7.44
C PHE A 363 14.11 34.90 -6.77
N LEU A 364 14.72 34.46 -5.66
CA LEU A 364 15.73 35.29 -5.01
C LEU A 364 16.92 35.55 -5.92
N HIS A 365 17.31 34.54 -6.71
CA HIS A 365 18.45 34.70 -7.61
C HIS A 365 18.09 35.53 -8.83
N ASP A 366 16.95 35.24 -9.47
CA ASP A 366 16.54 35.90 -10.70
C ASP A 366 15.32 36.76 -10.41
N PHE A 367 15.43 38.05 -10.73
CA PHE A 367 14.39 39.05 -10.46
C PHE A 367 13.60 38.74 -9.19
N GLY A 372 1.99 34.54 -12.41
CA GLY A 372 0.81 34.33 -11.60
C GLY A 372 0.81 35.15 -10.33
N GLU A 373 0.40 34.54 -9.22
CA GLU A 373 0.37 35.23 -7.94
C GLU A 373 1.76 35.75 -7.57
N GLU A 374 1.79 36.76 -6.70
CA GLU A 374 3.05 37.32 -6.25
C GLU A 374 3.70 36.38 -5.24
N PRO A 375 5.02 36.17 -5.31
CA PRO A 375 5.69 35.35 -4.29
C PRO A 375 5.47 35.93 -2.90
N TYR A 376 5.29 35.05 -1.92
CA TYR A 376 5.12 35.49 -0.55
C TYR A 376 6.36 36.18 0.01
N LEU A 377 7.49 36.13 -0.71
CA LEU A 377 8.66 36.89 -0.28
C LEU A 377 8.39 38.39 -0.27
N LEU A 378 7.50 38.85 -1.15
CA LEU A 378 7.18 40.28 -1.24
C LEU A 378 6.27 40.76 -0.12
N SER A 379 5.91 39.89 0.82
CA SER A 379 5.03 40.24 1.93
C SER A 379 5.78 39.94 3.23
N SER A 380 6.38 40.97 3.83
CA SER A 380 7.07 40.79 5.10
C SER A 380 6.11 40.28 6.17
N GLN A 381 4.81 40.57 6.02
CA GLN A 381 3.82 40.03 6.95
C GLN A 381 3.89 38.51 6.99
N THR A 382 3.67 37.86 5.84
CA THR A 382 3.67 36.41 5.78
C THR A 382 4.98 35.82 6.29
N LEU A 383 6.11 36.42 5.91
CA LEU A 383 7.40 35.91 6.34
C LEU A 383 7.49 35.88 7.86
N ASN A 384 6.87 36.84 8.54
CA ASN A 384 6.83 36.82 10.00
C ASN A 384 5.92 35.70 10.51
N LYS A 385 4.76 35.55 9.89
CA LYS A 385 3.85 34.46 10.25
C LYS A 385 4.55 33.12 10.17
N ILE A 386 5.25 32.88 9.06
CA ILE A 386 5.97 31.62 8.87
C ILE A 386 7.04 31.47 9.95
N HIS A 387 7.89 32.49 10.09
CA HIS A 387 9.01 32.42 11.02
C HIS A 387 8.53 32.16 12.44
N THR A 388 7.36 32.68 12.80
CA THR A 388 6.84 32.46 14.15
C THR A 388 6.52 30.98 14.38
N ALA A 389 5.76 30.38 13.47
CA ALA A 389 5.37 28.98 13.62
C ALA A 389 6.59 28.07 13.56
N VAL A 390 7.49 28.30 12.59
CA VAL A 390 8.69 27.49 12.47
C VAL A 390 9.52 27.57 13.74
N THR A 391 9.83 28.80 14.18
CA THR A 391 10.61 28.97 15.40
C THR A 391 9.92 28.30 16.59
N ASN A 392 8.61 28.48 16.70
CA ASN A 392 7.87 27.88 17.82
C ASN A 392 7.94 26.35 17.76
N ALA A 393 7.81 25.78 16.57
CA ALA A 393 7.79 24.32 16.43
C ALA A 393 9.14 23.72 16.82
N VAL A 394 10.24 24.31 16.33
CA VAL A 394 11.56 23.75 16.62
C VAL A 394 11.85 23.80 18.12
N ASN A 395 11.68 24.98 18.72
CA ASN A 395 11.98 25.13 20.15
C ASN A 395 11.07 24.24 20.99
N SER A 396 9.85 23.97 20.52
CA SER A 396 8.94 23.12 21.29
C SER A 396 9.36 21.67 21.27
N GLY A 397 10.06 21.24 20.22
CA GLY A 397 10.48 19.86 20.09
C GLY A 397 9.72 19.05 19.06
N VAL A 398 8.98 19.69 18.16
CA VAL A 398 8.18 18.98 17.16
C VAL A 398 9.10 18.33 16.15
N ALA A 399 9.33 17.03 16.30
CA ALA A 399 10.21 16.31 15.39
C ALA A 399 9.71 16.38 13.95
N ALA A 400 8.39 16.36 13.76
CA ALA A 400 7.82 16.33 12.41
C ALA A 400 8.01 17.62 11.64
N SER A 401 8.38 18.72 12.31
CA SER A 401 8.51 20.02 11.66
C SER A 401 9.88 20.24 11.04
N LEU A 402 10.85 19.38 11.29
CA LEU A 402 12.20 19.61 10.78
C LEU A 402 12.23 19.75 9.27
N PRO A 403 11.58 18.90 8.48
CA PRO A 403 11.57 19.13 7.02
C PRO A 403 11.10 20.51 6.64
N VAL A 404 10.07 21.03 7.32
CA VAL A 404 9.61 22.38 7.05
C VAL A 404 10.64 23.40 7.53
N ALA A 405 11.20 23.17 8.73
CA ALA A 405 12.18 24.11 9.27
C ALA A 405 13.44 24.13 8.43
N PHE A 406 13.98 22.96 8.11
CA PHE A 406 15.16 22.90 7.24
C PHE A 406 14.90 23.59 5.91
N ALA A 407 13.71 23.40 5.35
CA ALA A 407 13.35 24.09 4.12
C ALA A 407 13.29 25.60 4.34
N TRP A 408 12.84 26.03 5.52
CA TRP A 408 12.76 27.46 5.80
C TRP A 408 14.13 28.06 6.10
N SER A 409 15.06 27.26 6.62
CA SER A 409 16.41 27.75 6.88
C SER A 409 17.11 28.11 5.57
N LEU A 410 17.09 27.18 4.61
CA LEU A 410 17.75 27.43 3.33
C LEU A 410 17.18 28.66 2.63
N ILE A 411 15.89 28.93 2.83
CA ILE A 411 15.29 30.14 2.26
C ILE A 411 15.86 31.38 2.93
N VAL A 412 15.85 31.40 4.27
CA VAL A 412 16.40 32.54 5.00
C VAL A 412 17.88 32.71 4.69
N HIS A 413 18.60 31.60 4.55
CA HIS A 413 20.03 31.69 4.27
C HIS A 413 20.30 32.45 2.97
N GLN A 414 19.43 32.28 1.97
CA GLN A 414 19.59 32.99 0.72
C GLN A 414 19.09 34.42 0.81
N MET A 415 18.05 34.67 1.61
CA MET A 415 17.64 36.04 1.86
C MET A 415 18.74 36.82 2.57
N HIS A 416 19.42 36.18 3.52
CA HIS A 416 20.56 36.81 4.18
C HIS A 416 21.66 37.14 3.17
N LEU A 417 21.77 36.35 2.10
CA LEU A 417 22.76 36.64 1.06
C LEU A 417 22.34 37.86 0.24
N GLY A 418 21.13 37.82 -0.34
CA GLY A 418 20.66 38.93 -1.15
C GLY A 418 20.68 40.27 -0.44
N TYR A 419 20.62 40.26 0.89
CA TYR A 419 20.66 41.52 1.64
C TYR A 419 22.08 42.04 1.78
N GLN A 420 23.05 41.16 2.01
CA GLN A 420 24.44 41.58 2.11
C GLN A 420 24.99 42.02 0.76
N GLU A 421 24.55 41.38 -0.33
CA GLU A 421 25.02 41.76 -1.66
C GLU A 421 24.65 43.20 -1.98
N ARG A 422 23.53 43.69 -1.46
CA ARG A 422 23.08 45.04 -1.70
C ARG A 422 23.47 46.02 -0.61
N ALA A 423 23.98 45.54 0.52
CA ALA A 423 24.40 46.42 1.61
C ALA A 423 25.70 47.15 1.30
N GLU A 424 26.27 46.97 0.11
CA GLU A 424 27.54 47.58 -0.25
C GLU A 424 27.25 48.95 -0.88
N ARG A 425 27.42 50.01 -0.08
CA ARG A 425 27.13 51.37 -0.54
C ARG A 425 25.73 51.46 -1.14
N PRO A 467 10.93 43.98 0.11
CA PRO A 467 9.97 43.73 1.20
C PRO A 467 10.50 42.78 2.26
N TYR A 468 11.17 41.71 1.84
CA TYR A 468 11.72 40.76 2.79
C TYR A 468 12.85 41.37 3.61
N ASP A 469 13.42 42.49 3.16
CA ASP A 469 14.38 43.21 3.99
C ASP A 469 13.77 43.64 5.31
N ASP A 470 12.51 44.08 5.27
CA ASP A 470 11.82 44.45 6.50
C ASP A 470 11.73 43.26 7.46
N PHE A 471 11.51 42.06 6.92
CA PHE A 471 11.49 40.86 7.76
C PHE A 471 12.87 40.56 8.31
N LEU A 472 13.91 40.73 7.51
CA LEU A 472 15.27 40.45 7.98
C LEU A 472 15.65 41.38 9.12
N ARG A 473 15.28 42.66 9.02
CA ARG A 473 15.54 43.60 10.11
C ARG A 473 14.61 43.38 11.28
N GLU A 474 13.44 42.78 11.06
CA GLU A 474 12.49 42.58 12.14
C GLU A 474 12.93 41.46 13.07
N GLN A 475 13.40 40.34 12.52
CA GLN A 475 13.69 39.14 13.28
C GLN A 475 15.18 38.94 13.53
N ARG A 476 15.94 40.04 13.66
CA ARG A 476 17.37 39.96 13.99
C ARG A 476 18.13 39.12 12.97
N LEU A 477 17.79 39.28 11.68
CA LEU A 477 18.46 38.55 10.62
C LEU A 477 19.28 39.43 9.70
N ASP A 478 19.17 40.76 9.82
CA ASP A 478 20.04 41.64 9.04
C ASP A 478 21.50 41.32 9.29
N ASN A 479 21.82 40.76 10.45
CA ASN A 479 23.16 40.30 10.76
C ASN A 479 23.05 39.17 11.78
N ASP A 480 24.19 38.56 12.11
CA ASP A 480 24.22 37.47 13.07
C ASP A 480 23.61 37.89 14.40
N ALA A 482 23.06 33.79 11.77
CA ALA A 482 23.59 32.96 12.84
C ALA A 482 22.48 32.17 13.54
N PRO A 483 21.44 32.85 14.04
CA PRO A 483 20.35 32.10 14.69
C PRO A 483 19.61 31.19 13.74
N VAL A 484 19.50 31.57 12.46
CA VAL A 484 18.89 30.69 11.47
C VAL A 484 19.74 29.44 11.28
N GLU A 485 21.06 29.58 11.33
CA GLU A 485 21.94 28.43 11.19
C GLU A 485 21.71 27.42 12.30
N GLN A 486 21.26 27.88 13.47
CA GLN A 486 20.94 26.96 14.57
C GLN A 486 19.86 25.98 14.15
N ILE A 487 18.89 26.44 13.36
CA ILE A 487 17.83 25.55 12.88
C ILE A 487 18.38 24.60 11.83
N ALA A 488 19.18 25.12 10.89
CA ALA A 488 19.75 24.28 9.85
C ALA A 488 20.61 23.17 10.42
N MET A 489 21.19 23.38 11.60
CA MET A 489 22.00 22.36 12.25
C MET A 489 21.16 21.40 13.08
N LEU A 490 20.24 21.93 13.90
CA LEU A 490 19.36 21.07 14.69
C LEU A 490 18.63 20.08 13.79
N ALA A 491 18.24 20.52 12.60
CA ALA A 491 17.55 19.63 11.66
C ALA A 491 18.50 18.53 11.16
N THR A 492 19.65 18.93 10.61
CA THR A 492 20.58 17.98 10.04
C THR A 492 21.44 17.28 11.09
N SER A 493 21.47 17.78 12.32
CA SER A 493 22.24 17.15 13.38
C SER A 493 21.80 15.70 13.55
N ARG A 494 22.74 14.77 13.39
CA ARG A 494 22.47 13.34 13.49
C ARG A 494 21.47 12.87 12.44
N GLY A 495 21.33 13.63 11.35
CA GLY A 495 20.43 13.26 10.27
C GLY A 495 18.98 13.11 10.70
N GLN A 496 18.53 13.98 11.61
CA GLN A 496 17.15 13.90 12.08
C GLN A 496 16.16 14.18 10.95
N VAL A 497 16.28 15.35 10.31
CA VAL A 497 15.35 15.72 9.25
C VAL A 497 15.36 14.69 8.13
N TYR A 498 16.51 14.04 7.91
CA TYR A 498 16.60 13.06 6.83
C TYR A 498 15.89 11.76 7.19
N GLN A 499 15.92 11.36 8.47
CA GLN A 499 15.16 10.21 8.90
C GLN A 499 13.67 10.52 8.94
N VAL A 500 13.30 11.74 9.29
CA VAL A 500 11.89 12.15 9.25
C VAL A 500 11.35 11.97 7.83
N MET A 501 12.01 12.58 6.85
CA MET A 501 11.56 12.46 5.46
C MET A 501 11.52 11.00 5.03
N SER A 502 12.40 10.17 5.58
CA SER A 502 12.40 8.74 5.22
C SER A 502 11.15 8.05 5.77
N GLU A 503 10.71 8.43 6.97
CA GLU A 503 9.50 7.84 7.53
C GLU A 503 8.25 8.39 6.86
N MET A 504 8.25 9.69 6.55
CA MET A 504 7.13 10.26 5.80
C MET A 504 7.05 9.69 4.40
N ALA A 505 8.18 9.25 3.84
CA ALA A 505 8.18 8.63 2.52
C ALA A 505 7.37 7.34 2.53
N LEU A 506 7.63 6.48 3.51
CA LEU A 506 6.84 5.24 3.64
C LEU A 506 5.37 5.56 3.79
N CYS A 507 5.04 6.45 4.73
CA CYS A 507 3.65 6.86 4.92
C CYS A 507 3.02 7.27 3.58
N LEU A 508 3.73 8.09 2.82
CA LEU A 508 3.30 8.49 1.48
C LEU A 508 3.82 7.57 0.39
N GLY A 509 4.08 6.30 0.71
CA GLY A 509 4.77 5.40 -0.19
C GLY A 509 3.84 4.60 -1.07
N THR A 510 4.46 3.74 -1.89
CA THR A 510 3.75 2.85 -2.79
C THR A 510 3.52 1.46 -2.19
N THR A 511 4.27 1.10 -1.15
CA THR A 511 4.09 -0.19 -0.50
C THR A 511 2.66 -0.34 -0.01
N HIS A 512 2.29 -1.59 0.30
CA HIS A 512 0.99 -1.87 0.87
C HIS A 512 0.85 -1.36 2.30
N GLU A 513 1.94 -0.85 2.89
CA GLU A 513 1.90 -0.27 4.23
C GLU A 513 1.75 1.25 4.20
N ALA A 514 1.54 1.83 3.02
CA ALA A 514 1.34 3.28 2.94
C ALA A 514 -0.04 3.64 3.48
N ALA A 515 -0.11 4.78 4.15
CA ALA A 515 -1.38 5.23 4.72
C ALA A 515 -2.30 5.81 3.66
N PHE A 516 -1.75 6.36 2.59
CA PHE A 516 -2.52 7.05 1.56
C PHE A 516 -2.50 6.27 0.25
N ARG A 517 -3.37 6.68 -0.67
CA ARG A 517 -3.41 6.07 -1.98
C ARG A 517 -2.14 6.39 -2.76
N PRO A 518 -1.80 5.57 -3.76
CA PRO A 518 -0.58 5.83 -4.54
C PRO A 518 -0.49 7.25 -5.08
N ALA A 519 -1.55 7.76 -5.70
CA ALA A 519 -1.47 9.08 -6.34
C ALA A 519 -1.11 10.17 -5.35
N VAL A 520 -1.73 10.15 -4.16
CA VAL A 520 -1.43 11.18 -3.17
C VAL A 520 0.02 11.07 -2.71
N GLY A 521 0.51 9.84 -2.53
CA GLY A 521 1.89 9.66 -2.13
C GLY A 521 2.87 10.08 -3.22
N ALA A 522 2.56 9.72 -4.47
CA ALA A 522 3.46 10.04 -5.57
C ALA A 522 3.70 11.54 -5.67
N ARG A 523 2.63 12.33 -5.74
CA ARG A 523 2.77 13.77 -5.90
C ARG A 523 3.31 14.43 -4.64
N ALA A 524 3.01 13.88 -3.46
CA ALA A 524 3.43 14.52 -2.22
C ALA A 524 4.92 14.35 -1.99
N ARG A 525 5.47 13.17 -2.30
CA ARG A 525 6.91 12.96 -2.12
C ARG A 525 7.75 13.93 -2.94
N LEU A 526 7.16 14.64 -3.90
CA LEU A 526 7.93 15.59 -4.71
C LEU A 526 8.46 16.74 -3.87
N VAL A 527 7.71 17.18 -2.85
CA VAL A 527 8.17 18.30 -2.05
C VAL A 527 9.43 17.93 -1.27
N PHE A 528 9.47 16.69 -0.76
CA PHE A 528 10.67 16.23 -0.04
C PHE A 528 11.82 16.01 -1.01
N GLN A 529 11.52 15.72 -2.27
CA GLN A 529 12.56 15.61 -3.29
C GLN A 529 13.08 17.00 -3.67
N ASP A 530 12.18 17.97 -3.83
CA ASP A 530 12.60 19.33 -4.10
C ASP A 530 13.48 19.86 -2.99
N LEU A 531 13.19 19.49 -1.74
CA LEU A 531 13.99 19.96 -0.62
C LEU A 531 15.43 19.46 -0.73
N LEU A 532 15.60 18.16 -0.99
CA LEU A 532 16.94 17.62 -1.20
C LEU A 532 17.59 18.21 -2.43
N LYS A 533 16.80 18.50 -3.47
CA LYS A 533 17.33 19.11 -4.69
C LYS A 533 18.05 20.41 -4.38
N ARG A 534 17.42 21.29 -3.61
CA ARG A 534 18.00 22.61 -3.35
C ARG A 534 19.12 22.56 -2.32
N SER A 535 19.10 21.59 -1.42
CA SER A 535 20.19 21.43 -0.45
C SER A 535 21.34 20.61 -0.99
N ALA A 536 21.18 19.97 -2.15
CA ALA A 536 22.22 19.08 -2.66
C ALA A 536 23.50 19.85 -2.97
N TYR A 537 23.39 21.01 -3.60
CA TYR A 537 24.59 21.79 -3.93
C TYR A 537 25.26 22.34 -2.69
N LEU A 538 24.51 22.54 -1.60
CA LEU A 538 25.04 23.13 -0.39
C LEU A 538 25.39 22.11 0.69
N ILE A 539 25.04 20.84 0.49
CA ILE A 539 25.34 19.79 1.47
C ILE A 539 26.16 18.71 0.78
N PRO A 540 27.19 18.15 1.42
CA PRO A 540 27.98 17.11 0.77
C PRO A 540 27.19 15.82 0.59
N TYR A 541 27.64 15.03 -0.39
CA TYR A 541 27.06 13.71 -0.66
C TYR A 541 27.39 12.77 0.49
N GLN A 542 26.39 12.49 1.33
CA GLN A 542 26.59 11.68 2.53
C GLN A 542 25.53 10.59 2.58
N ASP A 543 25.61 9.74 3.61
CA ASP A 543 24.68 8.64 3.75
C ASP A 543 23.28 9.14 4.08
N GLU A 544 23.16 10.08 5.02
CA GLU A 544 21.85 10.54 5.45
C GLU A 544 21.06 11.19 4.32
N PRO A 545 21.60 12.19 3.60
CA PRO A 545 20.81 12.80 2.51
C PRO A 545 20.66 11.92 1.28
N VAL A 546 21.32 10.77 1.22
CA VAL A 546 21.21 9.86 0.09
C VAL A 546 20.26 8.72 0.41
N PHE A 547 20.42 8.07 1.56
CA PHE A 547 19.45 7.05 1.97
C PHE A 547 18.07 7.66 2.12
N SER A 548 17.99 8.93 2.50
CA SER A 548 16.70 9.60 2.57
C SER A 548 16.04 9.66 1.19
N LEU A 549 16.80 10.07 0.17
CA LEU A 549 16.25 10.11 -1.18
C LEU A 549 15.89 8.71 -1.66
N LEU A 550 16.76 7.73 -1.42
CA LEU A 550 16.44 6.36 -1.79
C LEU A 550 15.17 5.88 -1.09
N ALA A 551 14.96 6.31 0.16
CA ALA A 551 13.71 5.99 0.84
C ALA A 551 12.54 6.70 0.18
N ILE A 552 12.74 7.95 -0.24
CA ILE A 552 11.69 8.67 -0.95
C ILE A 552 11.34 7.97 -2.26
N LEU A 553 12.32 7.34 -2.90
CA LEU A 553 12.11 6.70 -4.20
C LEU A 553 11.59 5.28 -4.06
N ALA A 554 12.21 4.47 -3.21
CA ALA A 554 11.86 3.07 -3.11
C ALA A 554 10.67 2.84 -2.17
N THR A 555 10.62 3.59 -1.07
CA THR A 555 9.56 3.43 -0.07
C THR A 555 9.44 1.98 0.36
N GLY A 556 10.59 1.32 0.52
CA GLY A 556 10.61 -0.04 1.02
C GLY A 556 9.93 -1.06 0.14
N ARG A 557 9.95 -0.86 -1.18
CA ARG A 557 9.30 -1.80 -2.08
C ARG A 557 10.17 -3.02 -2.31
N GLN A 558 9.55 -4.08 -2.82
CA GLN A 558 10.20 -5.36 -3.04
C GLN A 558 10.05 -5.78 -4.50
N TYR A 559 10.62 -6.94 -4.81
CA TYR A 559 10.51 -7.47 -6.17
C TYR A 559 9.06 -7.72 -6.57
N TRP A 560 8.25 -8.20 -5.63
CA TRP A 560 6.88 -8.57 -5.92
C TRP A 560 5.99 -7.36 -6.22
N ASP A 561 6.49 -6.14 -6.00
CA ASP A 561 5.74 -4.93 -6.30
C ASP A 561 5.98 -4.41 -7.72
N VAL A 562 6.69 -5.16 -8.55
CA VAL A 562 6.95 -4.75 -9.92
C VAL A 562 5.70 -5.02 -10.75
N THR A 563 5.35 -4.09 -11.63
CA THR A 563 4.15 -4.24 -12.44
C THR A 563 4.25 -3.34 -13.67
N ASP A 564 3.66 -3.80 -14.76
CA ASP A 564 3.56 -3.02 -15.99
C ASP A 564 2.28 -2.17 -16.02
N ALA A 565 1.64 -1.96 -14.87
CA ALA A 565 0.40 -1.20 -14.81
C ALA A 565 0.67 0.25 -15.16
N LEU A 566 -0.05 0.76 -16.15
CA LEU A 566 0.08 2.16 -16.57
C LEU A 566 -0.82 3.03 -15.70
N SER A 567 -0.23 4.05 -15.09
CA SER A 567 -0.95 5.01 -14.27
C SER A 567 -0.83 6.40 -14.91
N ALA A 568 -1.44 7.38 -14.26
CA ALA A 568 -1.43 8.74 -14.79
C ALA A 568 -0.01 9.22 -15.01
N SER A 569 0.21 9.91 -16.13
CA SER A 569 1.57 10.28 -16.52
C SER A 569 2.26 11.11 -15.44
N SER A 570 1.55 12.09 -14.88
CA SER A 570 2.17 13.00 -13.93
C SER A 570 2.61 12.31 -12.64
N LEU A 571 2.20 11.06 -12.40
CA LEU A 571 2.51 10.40 -11.14
C LEU A 571 3.91 9.82 -11.09
N ASN A 572 4.58 9.67 -12.24
CA ASN A 572 5.94 9.15 -12.29
C ASN A 572 6.98 10.26 -12.35
N GLN A 573 6.61 11.48 -11.94
CA GLN A 573 7.54 12.60 -12.03
C GLN A 573 8.68 12.44 -11.02
N VAL A 574 8.38 11.88 -9.84
CA VAL A 574 9.42 11.71 -8.82
C VAL A 574 10.55 10.84 -9.34
N TYR A 575 10.25 9.93 -10.27
CA TYR A 575 11.26 9.04 -10.82
C TYR A 575 11.92 9.61 -12.07
N THR A 576 11.15 10.26 -12.95
CA THR A 576 11.72 10.85 -14.15
C THR A 576 12.54 12.10 -13.86
N ASP A 577 12.26 12.79 -12.75
CA ASP A 577 13.08 13.94 -12.38
C ASP A 577 14.50 13.54 -12.00
N MET A 578 14.70 12.29 -11.57
CA MET A 578 16.06 11.81 -11.34
C MET A 578 16.88 11.82 -12.62
N LEU A 579 16.23 11.84 -13.78
CA LEU A 579 16.90 11.89 -15.07
C LEU A 579 16.68 13.19 -15.83
N ASP A 580 15.58 13.89 -15.56
CA ASP A 580 15.25 15.11 -16.29
C ASP A 580 15.70 16.39 -15.58
N ASP A 581 15.98 16.33 -14.29
CA ASP A 581 16.41 17.50 -13.52
C ASP A 581 17.93 17.46 -13.36
N GLU A 582 18.60 18.50 -13.87
CA GLU A 582 20.06 18.53 -13.82
C GLU A 582 20.56 18.40 -12.38
N THR A 583 20.00 19.18 -11.46
CA THR A 583 20.47 19.18 -10.08
C THR A 583 20.40 17.78 -9.49
N LEU A 584 19.26 17.10 -9.65
CA LEU A 584 19.14 15.74 -9.14
C LEU A 584 19.99 14.76 -9.93
N PHE A 585 19.97 14.87 -11.26
CA PHE A 585 20.71 13.92 -12.09
C PHE A 585 22.20 13.97 -11.80
N THR A 586 22.78 15.17 -11.71
CA THR A 586 24.22 15.28 -11.56
C THR A 586 24.65 15.04 -10.11
N GLN A 587 23.89 15.53 -9.14
CA GLN A 587 24.28 15.47 -7.74
C GLN A 587 23.85 14.19 -7.05
N PHE A 588 22.99 13.38 -7.67
CA PHE A 588 22.53 12.14 -7.04
C PHE A 588 22.69 10.95 -7.98
N THR A 589 22.08 11.02 -9.17
CA THR A 589 22.12 9.88 -10.08
C THR A 589 23.54 9.58 -10.52
N MET A 590 24.22 10.56 -11.13
CA MET A 590 25.59 10.34 -11.57
C MET A 590 26.50 9.99 -10.40
N GLN A 591 26.35 10.69 -9.28
CA GLN A 591 27.14 10.38 -8.10
C GLN A 591 26.98 8.91 -7.71
N ALA A 592 25.75 8.39 -7.77
CA ALA A 592 25.54 6.98 -7.47
C ALA A 592 26.23 6.08 -8.49
N ILE A 593 26.17 6.47 -9.77
CA ILE A 593 26.85 5.69 -10.80
C ILE A 593 28.36 5.73 -10.60
N ASN A 594 28.91 6.94 -10.44
CA ASN A 594 30.35 7.12 -10.38
C ASN A 594 31.00 6.49 -9.16
N ARG A 595 30.22 6.06 -8.16
CA ARG A 595 30.77 5.44 -6.96
C ARG A 595 30.54 3.94 -6.91
N PHE A 596 29.93 3.36 -7.94
CA PHE A 596 29.63 1.93 -7.99
C PHE A 596 30.82 1.18 -8.57
N PRO A 597 31.16 -0.03 -8.07
CA PRO A 597 30.53 -0.78 -6.97
C PRO A 597 31.16 -0.56 -5.60
N TYR A 598 32.03 0.44 -5.45
CA TYR A 598 32.59 0.74 -4.13
C TYR A 598 31.47 1.04 -3.14
N GLU A 599 30.59 1.96 -3.49
CA GLU A 599 29.32 2.17 -2.77
C GLU A 599 28.25 1.44 -3.58
N PHE A 600 27.83 0.28 -3.09
CA PHE A 600 27.04 -0.63 -3.92
C PHE A 600 25.56 -0.23 -3.96
N ASN A 601 24.93 -0.08 -2.79
CA ASN A 601 23.47 0.06 -2.76
C ASN A 601 22.96 1.24 -3.58
N PRO A 602 23.46 2.47 -3.42
CA PRO A 602 22.84 3.60 -4.13
C PRO A 602 22.61 3.38 -5.60
N PHE A 603 23.58 2.81 -6.33
CA PHE A 603 23.38 2.55 -7.75
C PHE A 603 22.46 1.37 -7.96
N SER A 604 22.56 0.34 -7.11
CA SER A 604 21.72 -0.85 -7.28
C SER A 604 20.25 -0.51 -7.10
N VAL A 605 19.92 0.31 -6.09
CA VAL A 605 18.54 0.68 -5.84
C VAL A 605 17.97 1.43 -7.05
N LEU A 606 18.73 2.41 -7.56
CA LEU A 606 18.24 3.21 -8.68
C LEU A 606 17.89 2.32 -9.87
N CYS A 607 18.82 1.45 -10.28
CA CYS A 607 18.51 0.49 -11.34
C CYS A 607 17.27 -0.31 -11.00
N ARG A 608 17.16 -0.76 -9.74
CA ARG A 608 16.03 -1.58 -9.32
C ARG A 608 14.74 -0.79 -9.36
N VAL A 609 14.77 0.47 -8.92
CA VAL A 609 13.56 1.29 -8.86
C VAL A 609 13.18 1.79 -10.25
N LEU A 610 14.11 2.49 -10.91
CA LEU A 610 13.80 3.11 -12.20
C LEU A 610 13.45 2.05 -13.26
N ALA A 611 14.05 0.87 -13.17
CA ALA A 611 13.70 -0.19 -14.11
C ALA A 611 12.25 -0.61 -13.95
N ALA A 612 11.73 -0.58 -12.72
CA ALA A 612 10.35 -0.94 -12.49
C ALA A 612 9.39 0.21 -12.78
N ALA A 613 9.83 1.45 -12.58
CA ALA A 613 8.97 2.61 -12.79
C ALA A 613 8.89 3.03 -14.25
N LEU A 614 9.88 2.68 -15.07
CA LEU A 614 9.93 3.10 -16.46
C LEU A 614 9.56 1.97 -17.43
N ILE A 615 8.97 0.88 -16.94
CA ILE A 615 8.54 -0.20 -17.82
C ILE A 615 7.65 0.33 -18.93
N THR A 616 6.83 1.34 -18.62
CA THR A 616 5.87 1.88 -19.57
C THR A 616 6.40 3.06 -20.35
N ASN A 617 7.57 3.58 -20.02
CA ASN A 617 8.10 4.78 -20.64
C ASN A 617 8.95 4.40 -21.85
N LYS A 618 8.52 4.84 -23.03
CA LYS A 618 9.26 4.55 -24.25
C LYS A 618 10.57 5.34 -24.30
N ASP A 619 10.48 6.66 -24.13
CA ASP A 619 11.66 7.51 -24.28
C ASP A 619 12.76 7.16 -23.30
N LYS A 620 12.45 6.49 -22.18
CA LYS A 620 13.43 6.18 -21.16
C LYS A 620 13.54 4.67 -20.93
N ALA A 621 13.25 3.88 -21.95
CA ALA A 621 13.27 2.42 -21.82
C ALA A 621 14.68 1.84 -21.80
N ASP A 622 15.70 2.61 -22.19
CA ASP A 622 17.07 2.11 -22.26
C ASP A 622 17.97 2.75 -21.21
N VAL A 623 17.41 3.41 -20.20
CA VAL A 623 18.21 4.12 -19.21
C VAL A 623 18.95 3.10 -18.34
N VAL A 624 18.20 2.32 -17.57
CA VAL A 624 18.84 1.38 -16.65
C VAL A 624 19.70 0.38 -17.42
N THR A 625 19.15 -0.21 -18.48
CA THR A 625 19.96 -1.09 -19.31
C THR A 625 21.17 -0.35 -19.87
N GLY A 626 21.03 0.94 -20.17
CA GLY A 626 22.17 1.73 -20.57
C GLY A 626 23.19 1.95 -19.47
N TRP A 627 22.78 1.78 -18.21
CA TRP A 627 23.71 1.82 -17.09
C TRP A 627 24.35 0.47 -16.83
N LEU A 628 23.59 -0.61 -16.99
CA LEU A 628 24.13 -1.95 -16.78
C LEU A 628 25.03 -2.35 -17.94
N TRP A 629 24.49 -2.32 -19.16
CA TRP A 629 25.35 -2.26 -20.33
C TRP A 629 26.04 -0.90 -20.37
N ARG A 630 27.24 -0.88 -20.94
CA ARG A 630 27.95 0.38 -21.21
C ARG A 630 27.99 1.26 -19.97
N THR A 631 28.46 0.69 -18.86
CA THR A 631 28.69 1.49 -17.66
C THR A 631 29.89 2.39 -17.89
N PRO A 632 29.78 3.70 -17.66
CA PRO A 632 30.87 4.61 -18.03
C PRO A 632 32.14 4.45 -17.20
N THR A 633 31.98 4.41 -15.88
CA THR A 633 33.12 4.40 -14.97
C THR A 633 33.08 3.15 -14.08
N LEU A 634 34.16 2.96 -13.34
CA LEU A 634 34.30 1.84 -12.41
C LEU A 634 35.05 2.33 -11.18
N THR A 635 34.46 2.15 -10.00
CA THR A 635 35.01 2.64 -8.75
C THR A 635 35.16 1.47 -7.79
N VAL A 636 36.39 1.08 -7.49
CA VAL A 636 36.67 -0.06 -6.62
C VAL A 636 37.69 0.36 -5.57
N ASP A 637 37.68 -0.38 -4.46
CA ASP A 637 38.73 -0.22 -3.45
C ASP A 637 40.06 -0.67 -4.03
N TRP A 638 41.09 0.15 -3.85
CA TRP A 638 42.37 -0.14 -4.48
C TRP A 638 43.08 -1.28 -3.75
N ASN A 639 43.53 -2.27 -4.51
CA ASN A 639 44.30 -3.40 -3.99
C ASN A 639 45.79 -3.08 -4.06
N PRO A 640 46.54 -3.17 -2.95
CA PRO A 640 47.97 -2.88 -3.02
C PRO A 640 48.70 -3.66 -4.10
N ALA A 641 48.18 -4.83 -4.50
CA ALA A 641 48.81 -5.61 -5.56
C ALA A 641 48.87 -4.87 -6.89
N TRP A 642 48.16 -3.75 -7.02
CA TRP A 642 48.16 -2.96 -8.25
C TRP A 642 49.09 -1.76 -8.17
N ASP A 643 49.85 -1.61 -7.08
CA ASP A 643 50.69 -0.42 -6.91
C ASP A 643 51.79 -0.35 -7.96
N ARG A 644 52.13 -1.46 -8.61
CA ARG A 644 53.12 -1.46 -9.67
C ARG A 644 52.51 -1.20 -11.04
N SER A 645 51.19 -1.00 -11.12
CA SER A 645 50.48 -0.93 -12.39
C SER A 645 49.84 0.43 -12.61
N TYR A 646 50.42 1.49 -12.05
CA TYR A 646 49.88 2.83 -12.27
C TYR A 646 51.00 3.85 -12.12
N GLU A 647 50.73 5.06 -12.61
CA GLU A 647 51.68 6.16 -12.57
C GLU A 647 50.91 7.46 -12.67
N LEU A 648 51.20 8.40 -11.77
CA LEU A 648 50.47 9.65 -11.74
C LEU A 648 50.67 10.43 -13.04
N CYS A 649 49.77 11.40 -13.27
CA CYS A 649 49.83 12.25 -14.45
C CYS A 649 50.46 13.62 -14.19
N PHE A 650 50.55 14.04 -12.92
CA PHE A 650 51.19 15.30 -12.56
C PHE A 650 50.57 16.47 -13.31
N GLU A 651 49.23 16.51 -13.31
CA GLU A 651 48.50 17.63 -13.91
C GLU A 651 48.13 18.67 -12.87
N ASP A 652 47.40 18.25 -11.82
CA ASP A 652 47.02 19.14 -10.73
C ASP A 652 47.24 18.43 -9.41
N GLU A 653 47.82 19.16 -8.45
CA GLU A 653 48.13 18.57 -7.15
C GLU A 653 46.87 18.13 -6.41
N ASN A 654 45.72 18.70 -6.73
CA ASN A 654 44.46 18.33 -6.08
C ASN A 654 43.70 17.26 -6.86
N THR A 655 43.76 17.30 -8.18
CA THR A 655 43.05 16.29 -8.98
C THR A 655 43.47 14.88 -8.59
N ASN A 656 44.77 14.65 -8.49
CA ASN A 656 45.31 13.35 -8.12
C ASN A 656 45.01 12.28 -9.18
N SER A 657 44.87 12.71 -10.43
CA SER A 657 44.62 11.78 -11.52
C SER A 657 45.87 10.93 -11.79
N PHE A 658 45.66 9.83 -12.49
CA PHE A 658 46.74 8.89 -12.78
C PHE A 658 46.38 8.09 -14.02
N ARG A 659 47.26 7.17 -14.39
CA ARG A 659 47.09 6.32 -15.56
C ARG A 659 47.66 4.95 -15.25
N LEU A 660 47.06 3.92 -15.85
CA LEU A 660 47.49 2.54 -15.64
C LEU A 660 48.65 2.21 -16.57
N THR A 661 49.69 1.58 -16.00
CA THR A 661 50.85 1.16 -16.78
C THR A 661 50.82 -0.32 -17.13
N ARG A 662 50.06 -1.13 -16.39
CA ARG A 662 49.94 -2.56 -16.65
C ARG A 662 48.48 -2.96 -16.56
N ASP A 663 48.13 -4.04 -17.27
CA ASP A 663 46.77 -4.55 -17.22
C ASP A 663 46.46 -5.07 -15.83
N VAL A 664 45.28 -4.71 -15.32
CA VAL A 664 44.80 -5.16 -14.02
C VAL A 664 43.71 -6.20 -14.26
N ASP A 665 43.87 -7.38 -13.68
CA ASP A 665 42.95 -8.49 -13.86
C ASP A 665 42.15 -8.65 -12.57
N LEU A 666 40.93 -8.11 -12.56
CA LEU A 666 40.02 -8.39 -11.45
C LEU A 666 39.70 -9.87 -11.42
N PHE A 667 39.54 -10.40 -10.21
CA PHE A 667 39.39 -11.84 -9.99
C PHE A 667 40.65 -12.60 -10.40
N GLY A 668 41.81 -11.96 -10.28
CA GLY A 668 43.07 -12.57 -10.69
C GLY A 668 43.73 -13.38 -9.59
N GLU A 681 39.40 -18.91 -22.91
CA GLU A 681 38.47 -18.35 -21.93
C GLU A 681 38.30 -16.85 -22.15
N GLU A 682 37.66 -16.18 -21.19
CA GLU A 682 37.42 -14.75 -21.29
C GLU A 682 37.40 -14.15 -19.89
N ARG A 683 38.35 -13.27 -19.61
CA ARG A 683 38.49 -12.63 -18.31
C ARG A 683 38.06 -11.18 -18.39
N PHE A 684 38.02 -10.53 -17.22
CA PHE A 684 37.69 -9.11 -17.10
C PHE A 684 38.99 -8.38 -16.74
N ILE A 685 39.46 -7.53 -17.66
CA ILE A 685 40.74 -6.84 -17.51
C ILE A 685 40.51 -5.36 -17.77
N ILE A 686 41.17 -4.52 -16.96
CA ILE A 686 41.16 -3.08 -17.17
C ILE A 686 42.38 -2.74 -18.03
N PRO A 687 42.20 -2.25 -19.26
CA PRO A 687 43.34 -2.14 -20.17
C PRO A 687 44.43 -1.23 -19.63
N GLU A 688 45.65 -1.49 -20.08
CA GLU A 688 46.76 -0.58 -19.83
C GLU A 688 46.46 0.77 -20.46
N GLY A 689 46.93 1.83 -19.82
CA GLY A 689 46.72 3.17 -20.33
C GLY A 689 45.32 3.72 -20.11
N THR A 690 44.60 3.20 -19.12
CA THR A 690 43.30 3.73 -18.75
C THR A 690 43.50 4.84 -17.73
N LEU A 691 43.03 6.05 -18.05
CA LEU A 691 43.12 7.16 -17.11
C LEU A 691 42.23 6.91 -15.91
N GLY A 692 42.70 7.33 -14.74
CA GLY A 692 41.95 7.14 -13.51
C GLY A 692 42.06 8.33 -12.56
N ARG A 693 41.69 8.12 -11.31
CA ARG A 693 41.70 9.17 -10.31
C ARG A 693 41.48 8.55 -8.94
N PHE A 694 42.21 9.04 -7.95
CA PHE A 694 42.03 8.62 -6.56
C PHE A 694 41.06 9.58 -5.89
N VAL A 695 39.96 9.04 -5.37
CA VAL A 695 38.92 9.88 -4.78
C VAL A 695 39.35 10.37 -3.41
N THR A 696 39.59 9.44 -2.48
CA THR A 696 39.97 9.78 -1.12
C THR A 696 41.22 9.00 -0.73
N ASP A 697 42.05 9.63 0.10
CA ASP A 697 43.24 8.98 0.64
C ASP A 697 42.94 8.19 1.92
N VAL A 698 41.97 8.64 2.71
CA VAL A 698 41.59 7.94 3.93
C VAL A 698 40.93 6.61 3.57
N THR A 701 40.79 4.36 -2.58
CA THR A 701 39.88 3.99 -3.66
C THR A 701 40.21 4.80 -4.92
N ALA A 702 39.72 4.33 -6.07
CA ALA A 702 40.02 4.97 -7.34
C ALA A 702 38.79 4.91 -8.25
N ARG A 703 38.53 6.03 -8.93
CA ARG A 703 37.43 6.13 -9.90
C ARG A 703 38.05 6.04 -11.29
N LEU A 704 38.07 4.83 -11.84
CA LEU A 704 38.68 4.59 -13.15
C LEU A 704 37.72 4.95 -14.26
N GLU A 705 38.23 5.65 -15.27
CA GLU A 705 37.45 5.99 -16.47
C GLU A 705 37.55 4.81 -17.43
N PHE A 706 36.63 3.86 -17.28
CA PHE A 706 36.69 2.61 -18.04
C PHE A 706 35.26 2.19 -18.37
N GLU A 707 34.88 2.29 -19.64
CA GLU A 707 33.57 1.84 -20.05
C GLU A 707 33.54 0.31 -20.09
N HIS A 708 32.56 -0.28 -19.42
CA HIS A 708 32.46 -1.71 -19.29
C HIS A 708 31.00 -2.08 -19.05
N SER A 709 30.74 -3.38 -18.91
CA SER A 709 29.41 -3.90 -18.65
C SER A 709 29.32 -4.26 -17.17
N ALA A 710 28.80 -3.33 -16.37
CA ALA A 710 28.60 -3.59 -14.94
C ALA A 710 27.75 -4.82 -14.72
N LEU A 711 26.90 -5.18 -15.69
CA LEU A 711 26.10 -6.40 -15.56
C LEU A 711 26.97 -7.63 -15.71
N ALA A 712 27.76 -7.70 -16.77
CA ALA A 712 28.67 -8.82 -16.96
C ALA A 712 29.63 -8.93 -15.77
N LEU A 713 30.19 -7.79 -15.35
CA LEU A 713 31.08 -7.80 -14.19
C LEU A 713 30.38 -8.34 -12.95
N LEU A 714 29.18 -7.82 -12.66
CA LEU A 714 28.46 -8.26 -11.47
C LEU A 714 28.16 -9.75 -11.53
N GLY A 715 27.76 -10.25 -12.70
CA GLY A 715 27.53 -11.68 -12.85
C GLY A 715 28.74 -12.50 -12.43
N LYS A 716 29.94 -12.02 -12.76
CA LYS A 716 31.16 -12.73 -12.37
C LYS A 716 31.40 -12.59 -10.87
N ARG A 717 31.18 -11.40 -10.31
CA ARG A 717 31.34 -11.22 -8.87
C ARG A 717 30.42 -12.16 -8.09
N LEU A 718 29.24 -12.46 -8.63
CA LEU A 718 28.36 -13.42 -7.98
C LEU A 718 28.88 -14.85 -8.14
N GLU A 719 29.41 -15.17 -9.31
CA GLU A 719 30.01 -16.48 -9.51
C GLU A 719 31.14 -16.72 -8.52
N VAL A 720 32.04 -15.74 -8.39
CA VAL A 720 33.14 -15.84 -7.44
C VAL A 720 32.60 -16.00 -6.03
N LYS A 721 31.72 -15.10 -5.61
CA LYS A 721 31.17 -15.16 -4.25
C LYS A 721 30.50 -16.51 -4.00
N ALA A 722 29.84 -17.07 -5.00
CA ALA A 722 29.18 -18.36 -4.82
C ALA A 722 30.19 -19.48 -4.62
N ALA A 723 31.30 -19.44 -5.37
CA ALA A 723 32.32 -20.47 -5.28
C ALA A 723 33.29 -20.26 -4.12
N GLU A 724 33.22 -19.12 -3.42
CA GLU A 724 34.13 -18.83 -2.32
C GLU A 724 35.59 -18.86 -2.81
N GLU A 725 35.80 -18.41 -4.04
CA GLU A 725 37.13 -18.38 -4.65
C GLU A 725 37.77 -17.03 -4.37
N ILE A 726 38.81 -17.03 -3.53
CA ILE A 726 39.53 -15.81 -3.20
C ILE A 726 40.49 -15.47 -4.34
N CYS A 727 40.60 -14.17 -4.64
CA CYS A 727 41.48 -13.66 -5.69
C CYS A 727 42.32 -12.55 -5.08
N ASP A 728 43.52 -12.92 -4.61
CA ASP A 728 44.37 -11.96 -3.92
C ASP A 728 44.68 -10.75 -4.80
N SER A 729 44.85 -10.97 -6.10
CA SER A 729 45.22 -9.91 -7.03
C SER A 729 44.02 -9.22 -7.65
N GLY A 730 42.79 -9.66 -7.33
CA GLY A 730 41.59 -9.09 -7.90
C GLY A 730 40.87 -8.15 -6.94
N MET A 731 39.68 -7.73 -7.37
CA MET A 731 38.90 -6.79 -6.59
C MET A 731 38.34 -7.47 -5.33
N ALA A 732 37.79 -6.65 -4.44
CA ALA A 732 37.26 -7.16 -3.19
C ALA A 732 36.05 -8.04 -3.45
N PRO A 733 35.81 -9.04 -2.59
CA PRO A 733 34.64 -9.92 -2.79
C PRO A 733 33.36 -9.24 -2.33
N LEU A 734 32.25 -9.73 -2.88
CA LEU A 734 30.94 -9.21 -2.51
C LEU A 734 30.64 -9.50 -1.06
N ASP A 735 30.12 -8.49 -0.35
CA ASP A 735 29.59 -8.71 0.99
C ASP A 735 28.27 -9.48 0.90
N VAL A 736 27.93 -10.17 1.98
CA VAL A 736 26.69 -10.93 2.01
C VAL A 736 25.50 -10.01 1.79
N ASP A 737 25.53 -8.82 2.39
CA ASP A 737 24.51 -7.81 2.12
C ASP A 737 24.49 -7.48 0.63
N GLU A 738 25.62 -6.99 0.10
CA GLU A 738 25.70 -6.67 -1.32
C GLU A 738 25.23 -7.83 -2.19
N GLN A 739 25.44 -9.07 -1.74
CA GLN A 739 25.02 -10.23 -2.51
C GLN A 739 23.50 -10.27 -2.65
N ALA A 740 22.78 -10.10 -1.53
CA ALA A 740 21.32 -10.11 -1.57
C ALA A 740 20.81 -8.95 -2.42
N GLU A 741 21.35 -7.76 -2.23
CA GLU A 741 20.95 -6.62 -3.04
C GLU A 741 21.24 -6.87 -4.52
N ALA A 742 22.38 -7.50 -4.81
CA ALA A 742 22.76 -7.73 -6.21
C ALA A 742 21.76 -8.63 -6.91
N VAL A 743 21.43 -9.77 -6.28
CA VAL A 743 20.50 -10.71 -6.90
C VAL A 743 19.12 -10.08 -7.04
N ALA A 744 18.66 -9.41 -5.98
CA ALA A 744 17.36 -8.73 -6.05
C ALA A 744 17.33 -7.72 -7.18
N MET A 745 18.43 -7.01 -7.39
CA MET A 745 18.47 -6.01 -8.46
C MET A 745 18.44 -6.68 -9.83
N LEU A 746 19.09 -7.82 -9.97
CA LEU A 746 19.05 -8.54 -11.25
C LEU A 746 17.66 -9.09 -11.52
N ALA A 747 17.01 -9.65 -10.49
CA ALA A 747 15.67 -10.19 -10.68
C ALA A 747 14.69 -9.11 -11.11
N THR A 748 14.79 -7.93 -10.49
CA THR A 748 13.88 -6.84 -10.82
C THR A 748 14.03 -6.42 -12.28
N VAL A 749 15.27 -6.11 -12.70
CA VAL A 749 15.48 -5.65 -14.07
C VAL A 749 15.06 -6.72 -15.07
N LEU A 750 15.41 -7.97 -14.81
CA LEU A 750 14.96 -9.06 -15.67
C LEU A 750 13.45 -9.07 -15.77
N ARG A 751 12.77 -9.06 -14.63
CA ARG A 751 11.31 -9.00 -14.63
C ARG A 751 10.81 -7.79 -15.43
N ALA A 752 11.44 -6.64 -15.25
CA ALA A 752 11.03 -5.45 -15.98
C ALA A 752 11.26 -5.64 -17.49
N GLU A 753 12.34 -6.32 -17.86
CA GLU A 753 12.64 -6.52 -19.27
C GLU A 753 11.67 -7.52 -19.90
N SER A 754 11.28 -8.56 -19.16
CA SER A 754 10.35 -9.53 -19.69
C SER A 754 8.91 -9.00 -19.71
N LEU A 755 8.60 -8.01 -18.88
CA LEU A 755 7.28 -7.38 -18.94
C LEU A 755 7.14 -6.48 -20.17
N LYS A 756 8.18 -5.70 -20.45
CA LYS A 756 8.14 -4.82 -21.62
C LYS A 756 8.40 -5.58 -22.92
N SER A 757 8.96 -6.79 -22.85
CA SER A 757 9.22 -7.55 -24.06
C SER A 757 7.93 -8.00 -24.72
N THR A 758 6.95 -8.41 -23.92
CA THR A 758 5.67 -8.87 -24.44
C THR A 758 4.71 -7.74 -24.78
N ALA A 759 5.09 -6.49 -24.52
CA ALA A 759 4.24 -5.36 -24.83
C ALA A 759 4.38 -4.99 -26.30
N LYS A 760 3.41 -4.22 -26.80
CA LYS A 760 3.41 -3.79 -28.19
C LYS A 760 4.65 -2.95 -28.47
N GLY A 761 5.45 -3.39 -29.43
CA GLY A 761 6.63 -2.67 -29.83
C GLY A 761 7.87 -2.95 -29.01
N GLY A 762 7.83 -3.95 -28.13
CA GLY A 762 9.00 -4.31 -27.35
C GLY A 762 9.82 -5.41 -28.01
N ASP A 763 11.06 -5.53 -27.56
CA ASP A 763 11.98 -6.56 -28.05
C ASP A 763 11.62 -7.88 -27.38
N PRO A 764 11.02 -8.84 -28.10
CA PRO A 764 10.61 -10.09 -27.45
C PRO A 764 11.77 -10.90 -26.88
N GLU A 765 13.00 -10.62 -27.31
CA GLU A 765 14.17 -11.32 -26.79
C GLU A 765 14.95 -10.49 -25.77
N ALA A 766 14.36 -9.41 -25.26
CA ALA A 766 15.03 -8.57 -24.27
C ALA A 766 15.50 -9.37 -23.05
N PRO A 767 14.67 -10.19 -22.40
CA PRO A 767 15.16 -10.89 -21.21
C PRO A 767 16.25 -11.90 -21.50
N LEU A 768 16.15 -12.63 -22.61
CA LEU A 768 17.21 -13.56 -22.99
C LEU A 768 18.54 -12.84 -23.15
N LYS A 769 18.52 -11.68 -23.83
CA LYS A 769 19.73 -10.89 -23.96
C LYS A 769 20.26 -10.46 -22.60
N PHE A 770 19.37 -10.07 -21.68
CA PHE A 770 19.79 -9.69 -20.34
C PHE A 770 20.51 -10.85 -19.65
N LEU A 771 20.01 -12.07 -19.83
CA LEU A 771 20.66 -13.24 -19.24
C LEU A 771 22.02 -13.49 -19.90
N LYS A 772 22.09 -13.34 -21.23
CA LYS A 772 23.35 -13.59 -21.92
C LYS A 772 24.43 -12.61 -21.47
N GLU A 773 24.09 -11.32 -21.37
CA GLU A 773 25.08 -10.33 -20.94
C GLU A 773 25.55 -10.60 -19.52
N ALA A 774 24.63 -10.97 -18.63
CA ALA A 774 25.01 -11.35 -17.27
C ALA A 774 25.76 -12.67 -17.24
N SER A 775 25.59 -13.51 -18.27
CA SER A 775 26.34 -14.75 -18.39
C SER A 775 27.67 -14.58 -19.09
N ARG A 776 27.91 -13.42 -19.71
CA ARG A 776 29.17 -13.18 -20.38
C ARG A 776 30.32 -13.25 -19.39
N LEU A 777 31.52 -13.49 -19.92
CA LEU A 777 32.72 -13.69 -19.11
C LEU A 777 32.44 -14.54 -17.88
N LEU A 778 31.75 -15.65 -18.10
CA LEU A 778 31.63 -16.74 -17.15
C LEU A 778 32.17 -18.01 -17.78
N PRO A 779 32.48 -19.04 -16.98
CA PRO A 779 32.91 -20.32 -17.55
C PRO A 779 31.97 -20.77 -18.65
N HIS A 780 32.53 -21.49 -19.63
CA HIS A 780 31.77 -21.85 -20.83
C HIS A 780 30.52 -22.63 -20.48
N ASN A 781 30.60 -23.52 -19.49
CA ASN A 781 29.49 -24.37 -19.10
C ASN A 781 28.61 -23.75 -18.01
N LYS A 782 28.67 -22.43 -17.84
CA LYS A 782 27.99 -21.78 -16.73
C LYS A 782 27.38 -20.46 -17.19
N ASP A 783 26.10 -20.28 -16.88
CA ASP A 783 25.40 -19.04 -17.15
C ASP A 783 24.91 -18.44 -15.83
N ILE A 784 24.40 -17.21 -15.90
CA ILE A 784 24.01 -16.50 -14.69
C ILE A 784 22.99 -17.30 -13.89
N LEU A 785 22.12 -18.06 -14.56
CA LEU A 785 21.13 -18.85 -13.83
C LEU A 785 21.78 -19.99 -13.07
N THR A 786 22.86 -20.56 -13.61
CA THR A 786 23.59 -21.59 -12.88
C THR A 786 24.14 -21.04 -11.57
N VAL A 787 24.61 -19.78 -11.59
CA VAL A 787 25.17 -19.19 -10.38
C VAL A 787 24.12 -19.12 -9.28
N ILE A 788 22.93 -18.62 -9.63
CA ILE A 788 21.84 -18.52 -8.65
C ILE A 788 21.51 -19.91 -8.12
N SER A 789 21.43 -20.90 -9.00
CA SER A 789 21.20 -22.27 -8.56
C SER A 789 22.28 -22.71 -7.59
N ASP A 790 23.55 -22.51 -7.95
CA ASP A 790 24.64 -22.89 -7.06
C ASP A 790 24.58 -22.12 -5.74
N THR A 791 24.19 -20.84 -5.80
CA THR A 791 24.08 -20.05 -4.58
C THR A 791 23.03 -20.63 -3.64
N ILE A 792 21.87 -21.02 -4.17
CA ILE A 792 20.84 -21.64 -3.34
C ILE A 792 21.38 -22.93 -2.73
N ASP A 793 21.83 -23.85 -3.59
CA ASP A 793 22.36 -25.12 -3.12
C ASP A 793 23.37 -24.91 -2.00
N GLY A 794 24.30 -23.97 -2.18
CA GLY A 794 25.33 -23.74 -1.19
C GLY A 794 24.78 -23.34 0.17
N LEU A 795 23.80 -22.44 0.18
CA LEU A 795 23.25 -21.95 1.44
C LEU A 795 22.41 -23.01 2.15
N VAL A 796 21.75 -23.89 1.39
CA VAL A 796 20.88 -24.89 1.99
C VAL A 796 21.69 -26.14 2.36
N GLU A 797 23.01 -26.08 2.21
CA GLU A 797 23.85 -27.15 2.73
C GLU A 797 23.61 -27.33 4.22
N LYS A 798 23.48 -26.23 4.95
CA LYS A 798 23.00 -26.24 6.32
C LYS A 798 21.47 -26.17 6.30
N GLU A 799 20.87 -26.22 7.49
CA GLU A 799 19.43 -26.08 7.61
C GLU A 799 19.06 -24.62 7.88
N LEU A 800 17.81 -24.28 7.58
CA LEU A 800 17.39 -22.89 7.63
C LEU A 800 17.56 -22.29 9.03
N LEU A 801 17.49 -23.13 10.07
CA LEU A 801 17.65 -22.62 11.43
C LEU A 801 19.05 -22.07 11.67
N GLU A 802 20.06 -22.66 11.03
CA GLU A 802 21.45 -22.25 11.26
C GLU A 802 21.85 -21.05 10.43
N LEU A 803 21.13 -20.73 9.35
CA LEU A 803 21.50 -19.63 8.49
C LEU A 803 21.33 -18.30 9.22
N ASP A 804 22.02 -17.28 8.70
CA ASP A 804 21.99 -15.95 9.28
C ASP A 804 20.97 -15.06 8.56
N GLY A 805 20.77 -13.88 9.11
CA GLY A 805 19.83 -12.92 8.55
C GLY A 805 20.16 -12.59 7.11
N PRO A 806 21.27 -11.89 6.88
CA PRO A 806 21.66 -11.55 5.51
C PRO A 806 21.75 -12.75 4.58
N GLN A 807 22.09 -13.94 5.12
CA GLN A 807 22.11 -15.13 4.29
C GLN A 807 20.71 -15.51 3.84
N ILE A 808 19.76 -15.57 4.78
CA ILE A 808 18.37 -15.83 4.42
C ILE A 808 17.87 -14.80 3.42
N ALA A 809 18.35 -13.56 3.53
CA ALA A 809 17.99 -12.54 2.55
C ALA A 809 18.49 -12.91 1.16
N VAL A 810 19.67 -13.55 1.09
CA VAL A 810 20.17 -14.01 -0.20
C VAL A 810 19.24 -15.06 -0.79
N LEU A 811 18.75 -15.99 0.05
CA LEU A 811 17.83 -17.01 -0.45
C LEU A 811 16.57 -16.37 -1.01
N ALA A 812 15.99 -15.42 -0.29
CA ALA A 812 14.81 -14.72 -0.77
C ALA A 812 15.05 -14.13 -2.15
N SER A 813 16.14 -13.38 -2.30
CA SER A 813 16.45 -12.76 -3.59
C SER A 813 16.63 -13.83 -4.68
N CYS A 814 17.32 -14.92 -4.36
CA CYS A 814 17.51 -15.98 -5.35
C CYS A 814 16.16 -16.56 -5.79
N LEU A 815 15.24 -16.77 -4.85
CA LEU A 815 13.91 -17.24 -5.22
C LEU A 815 13.17 -16.22 -6.06
N GLN A 816 13.38 -14.93 -5.80
CA GLN A 816 12.78 -13.91 -6.65
C GLN A 816 13.38 -13.92 -8.06
N PHE A 817 14.64 -14.32 -8.18
CA PHE A 817 15.28 -14.42 -9.50
C PHE A 817 14.73 -15.61 -10.28
N LEU A 818 14.51 -16.74 -9.62
CA LEU A 818 13.87 -17.86 -10.28
C LEU A 818 12.49 -17.48 -10.80
N HIS A 819 11.74 -16.70 -10.01
CA HIS A 819 10.42 -16.27 -10.46
C HIS A 819 10.51 -15.46 -11.73
N ALA A 820 11.47 -14.54 -11.81
CA ALA A 820 11.64 -13.74 -13.02
C ALA A 820 12.14 -14.60 -14.17
N ALA A 821 13.02 -15.55 -13.89
CA ALA A 821 13.55 -16.41 -14.95
C ALA A 821 12.53 -17.43 -15.41
N LEU A 822 11.57 -17.79 -14.55
CA LEU A 822 10.56 -18.77 -14.93
C LEU A 822 9.82 -18.36 -16.20
N ALA A 823 9.63 -17.05 -16.40
CA ALA A 823 8.86 -16.58 -17.54
C ALA A 823 9.59 -16.78 -18.86
N VAL A 824 10.91 -16.98 -18.84
CA VAL A 824 11.69 -17.08 -20.06
C VAL A 824 12.49 -18.37 -20.17
N CYS A 825 12.72 -19.08 -19.07
CA CYS A 825 13.44 -20.36 -19.09
C CYS A 825 12.70 -21.37 -18.22
N PRO A 826 11.45 -21.69 -18.56
CA PRO A 826 10.70 -22.62 -17.69
C PRO A 826 11.38 -23.97 -17.51
N GLY A 827 11.96 -24.52 -18.58
CA GLY A 827 12.61 -25.81 -18.47
C GLY A 827 13.76 -25.81 -17.48
N ARG A 828 14.51 -24.71 -17.43
CA ARG A 828 15.64 -24.62 -16.51
C ARG A 828 15.18 -24.55 -15.07
N VAL A 829 14.21 -23.69 -14.78
CA VAL A 829 13.75 -23.53 -13.40
C VAL A 829 13.14 -24.82 -12.89
N TRP A 830 12.19 -25.39 -13.65
CA TRP A 830 11.61 -26.67 -13.26
C TRP A 830 12.70 -27.73 -13.06
N ALA A 831 13.66 -27.78 -13.99
CA ALA A 831 14.75 -28.74 -13.87
C ALA A 831 15.49 -28.57 -12.55
N TYR A 832 15.71 -27.33 -12.12
CA TYR A 832 16.43 -27.12 -10.87
C TYR A 832 15.57 -27.50 -9.66
N MET A 833 14.30 -27.11 -9.66
CA MET A 833 13.45 -27.40 -8.51
C MET A 833 13.40 -28.89 -8.22
N SER A 834 13.52 -29.73 -9.24
CA SER A 834 13.51 -31.17 -9.03
C SER A 834 14.65 -31.62 -8.13
N ARG A 835 15.75 -30.86 -8.11
CA ARG A 835 16.90 -31.18 -7.28
C ARG A 835 17.18 -30.11 -6.23
N CYS A 836 16.20 -29.27 -5.92
CA CYS A 836 16.35 -28.21 -4.93
C CYS A 836 16.02 -28.75 -3.55
N ALA A 837 16.93 -28.53 -2.60
CA ALA A 837 16.74 -29.06 -1.25
C ALA A 837 15.59 -28.38 -0.51
N LEU A 838 15.17 -27.18 -0.93
CA LEU A 838 14.10 -26.49 -0.21
C LEU A 838 12.83 -27.34 -0.19
N ILE A 839 12.48 -27.96 -1.31
CA ILE A 839 11.29 -28.78 -1.40
C ILE A 839 11.71 -30.25 -1.35
N ALA A 840 10.75 -31.11 -1.01
CA ALA A 840 11.01 -32.52 -0.92
C ALA A 840 11.24 -33.12 -2.30
N GLY A 841 11.93 -34.25 -2.32
CA GLY A 841 12.13 -35.06 -3.51
C GLY A 841 11.61 -36.47 -3.21
N ASP A 842 11.86 -37.40 -4.13
CA ASP A 842 11.54 -38.79 -3.85
C ASP A 842 12.52 -39.42 -2.85
N ALA A 843 13.56 -38.68 -2.46
CA ALA A 843 14.54 -39.18 -1.50
C ALA A 843 14.84 -38.22 -0.35
N ARG A 844 14.50 -36.93 -0.48
CA ARG A 844 14.80 -35.93 0.54
C ARG A 844 13.52 -35.42 1.19
N PRO A 845 13.57 -35.07 2.48
CA PRO A 845 12.35 -34.56 3.16
C PRO A 845 12.04 -33.12 2.83
N GLY A 846 13.06 -32.31 2.59
CA GLY A 846 12.89 -30.90 2.26
C GLY A 846 13.36 -30.02 3.40
N ARG A 847 13.97 -28.89 3.03
CA ARG A 847 14.52 -27.99 4.03
C ARG A 847 13.47 -27.05 4.61
N LEU A 848 12.59 -26.52 3.77
CA LEU A 848 11.56 -25.60 4.27
C LEU A 848 10.73 -26.25 5.37
N SER A 849 10.32 -27.51 5.17
CA SER A 849 9.52 -28.20 6.16
C SER A 849 10.17 -28.20 7.54
N ARG A 850 11.47 -27.91 7.61
CA ARG A 850 12.16 -27.89 8.91
C ARG A 850 11.95 -26.57 9.64
N ILE A 851 11.77 -25.45 8.91
CA ILE A 851 11.61 -24.16 9.57
C ILE A 851 10.30 -24.04 10.32
N THR A 852 9.36 -24.97 10.10
CA THR A 852 8.08 -24.91 10.77
C THR A 852 8.27 -25.04 12.29
N GLY A 853 7.27 -24.58 13.03
CA GLY A 853 7.30 -24.68 14.48
C GLY A 853 6.81 -23.43 15.18
N SER A 854 7.59 -22.95 16.15
CA SER A 854 7.23 -21.78 16.94
C SER A 854 8.12 -20.58 16.66
N LEU A 855 8.93 -20.63 15.62
CA LEU A 855 9.83 -19.52 15.32
C LEU A 855 9.01 -18.25 15.03
N ASP A 856 9.73 -17.14 14.95
CA ASP A 856 9.13 -15.85 14.63
C ASP A 856 9.36 -15.52 13.16
N MET A 857 8.32 -15.04 12.49
CA MET A 857 8.41 -14.65 11.08
C MET A 857 8.75 -13.17 11.00
N TYR A 858 10.03 -12.87 11.20
CA TYR A 858 10.53 -11.51 11.09
C TYR A 858 11.13 -11.30 9.71
N ALA A 859 11.53 -10.05 9.46
CA ALA A 859 11.66 -9.55 8.08
C ALA A 859 12.41 -10.53 7.19
N GLU A 860 13.63 -10.91 7.58
CA GLU A 860 14.41 -11.80 6.73
C GLU A 860 13.72 -13.15 6.54
N ARG A 861 13.25 -13.74 7.65
CA ARG A 861 12.58 -15.04 7.54
C ARG A 861 11.29 -14.93 6.74
N PHE A 862 10.48 -13.92 7.04
CA PHE A 862 9.21 -13.78 6.34
C PHE A 862 9.42 -13.55 4.85
N ASP A 863 10.36 -12.67 4.49
CA ASP A 863 10.65 -12.44 3.08
C ASP A 863 10.96 -13.74 2.35
N LEU A 864 11.66 -14.66 3.03
CA LEU A 864 12.01 -15.93 2.42
C LEU A 864 10.76 -16.77 2.14
N LEU A 865 9.96 -17.05 3.18
CA LEU A 865 8.80 -17.91 3.00
C LEU A 865 7.76 -17.25 2.10
N SER A 866 7.57 -15.94 2.23
CA SER A 866 6.66 -15.24 1.33
C SER A 866 7.10 -15.42 -0.12
N SER A 867 8.38 -15.14 -0.40
CA SER A 867 8.90 -15.33 -1.75
C SER A 867 8.82 -16.79 -2.19
N ALA A 868 9.00 -17.72 -1.26
CA ALA A 868 8.90 -19.13 -1.59
C ALA A 868 7.48 -19.51 -1.99
N VAL A 869 6.48 -19.03 -1.25
CA VAL A 869 5.09 -19.32 -1.59
C VAL A 869 4.74 -18.71 -2.95
N LYS A 870 5.15 -17.47 -3.19
CA LYS A 870 4.85 -16.84 -4.47
C LYS A 870 5.49 -17.60 -5.62
N LEU A 871 6.76 -18.00 -5.45
CA LEU A 871 7.44 -18.79 -6.48
C LEU A 871 6.72 -20.11 -6.71
N PHE A 872 6.41 -20.83 -5.63
CA PHE A 872 5.68 -22.09 -5.76
C PHE A 872 4.37 -21.87 -6.51
N ALA A 873 3.64 -20.80 -6.19
CA ALA A 873 2.39 -20.53 -6.87
C ALA A 873 2.60 -20.26 -8.35
N ALA A 874 3.62 -19.48 -8.70
CA ALA A 874 3.89 -19.19 -10.10
C ALA A 874 4.22 -20.47 -10.87
N LEU A 875 4.89 -21.42 -10.22
CA LEU A 875 5.21 -22.69 -10.88
C LEU A 875 3.92 -23.46 -11.20
N ILE A 876 3.02 -23.57 -10.22
CA ILE A 876 1.76 -24.28 -10.45
C ILE A 876 1.05 -23.69 -11.67
N ASP A 877 1.10 -22.37 -11.83
CA ASP A 877 0.48 -21.73 -12.99
C ASP A 877 1.06 -22.27 -14.29
N SER A 878 2.39 -22.25 -14.42
CA SER A 878 3.01 -22.67 -15.68
C SER A 878 2.69 -24.12 -16.00
N ALA A 879 2.55 -24.97 -14.98
CA ALA A 879 2.22 -26.37 -15.23
C ALA A 879 0.81 -26.50 -15.81
N ALA A 880 -0.13 -25.69 -15.31
CA ALA A 880 -1.51 -25.77 -15.79
C ALA A 880 -1.68 -25.03 -17.11
N CYS A 881 -1.00 -23.90 -17.28
CA CYS A 881 -1.14 -23.13 -18.51
C CYS A 881 -0.60 -23.88 -19.72
N SER A 882 0.50 -24.61 -19.54
CA SER A 882 1.14 -25.33 -20.64
C SER A 882 0.23 -26.47 -21.08
N ALA A 883 -0.45 -26.30 -22.21
CA ALA A 883 -1.29 -27.34 -22.78
C ALA A 883 -0.54 -28.23 -23.76
N VAL A 884 0.56 -27.75 -24.32
CA VAL A 884 1.37 -28.55 -25.24
C VAL A 884 2.02 -29.70 -24.48
N PRO A 903 12.96 -24.08 -24.86
CA PRO A 903 12.01 -23.36 -23.98
C PRO A 903 11.66 -24.16 -22.73
N TRP A 904 11.04 -25.32 -22.92
CA TRP A 904 10.79 -26.28 -21.84
C TRP A 904 11.79 -27.43 -21.86
N LEU A 905 12.86 -27.31 -22.64
CA LEU A 905 13.85 -28.37 -22.71
C LEU A 905 14.49 -28.59 -21.35
N GLY A 906 14.60 -29.85 -20.94
CA GLY A 906 15.11 -30.20 -19.63
C GLY A 906 14.07 -30.62 -18.63
N THR A 907 12.84 -30.93 -19.07
CA THR A 907 11.77 -31.35 -18.18
C THR A 907 10.99 -32.47 -18.83
N SER A 908 10.11 -33.08 -18.03
CA SER A 908 9.22 -34.13 -18.51
C SER A 908 8.00 -34.12 -17.60
N GLU A 909 7.01 -34.97 -17.94
CA GLU A 909 5.80 -35.01 -17.12
C GLU A 909 6.08 -35.60 -15.75
N LYS A 910 6.98 -36.57 -15.66
CA LYS A 910 7.35 -37.12 -14.35
C LYS A 910 7.94 -36.04 -13.46
N ILE A 911 8.80 -35.18 -14.03
CA ILE A 911 9.44 -34.13 -13.24
C ILE A 911 8.40 -33.15 -12.72
N LEU A 912 7.63 -32.55 -13.65
CA LEU A 912 6.61 -31.58 -13.23
C LEU A 912 5.68 -32.18 -12.18
N SER A 913 5.29 -33.44 -12.37
CA SER A 913 4.42 -34.10 -11.41
C SER A 913 5.06 -34.16 -10.03
N ARG A 914 6.28 -34.69 -9.94
CA ARG A 914 6.94 -34.85 -8.65
C ARG A 914 7.19 -33.51 -7.98
N VAL A 915 7.67 -32.52 -8.75
CA VAL A 915 7.94 -31.20 -8.18
C VAL A 915 6.65 -30.54 -7.72
N ALA A 916 5.59 -30.65 -8.53
CA ALA A 916 4.30 -30.08 -8.12
C ALA A 916 3.81 -30.73 -6.83
N LEU A 917 3.94 -32.05 -6.72
CA LEU A 917 3.53 -32.73 -5.50
C LEU A 917 4.33 -32.23 -4.31
N ALA A 918 5.65 -32.09 -4.47
CA ALA A 918 6.48 -31.57 -3.39
C ALA A 918 6.04 -30.16 -3.00
N ILE A 919 5.63 -29.37 -3.99
CA ILE A 919 5.14 -28.02 -3.70
C ILE A 919 3.86 -28.09 -2.88
N ALA A 920 2.91 -28.94 -3.28
CA ALA A 920 1.70 -29.13 -2.51
C ALA A 920 2.02 -29.49 -1.06
N GLN A 921 3.03 -30.35 -0.87
CA GLN A 921 3.41 -30.75 0.48
C GLN A 921 4.02 -29.59 1.26
N ALA A 922 4.91 -28.82 0.63
CA ALA A 922 5.49 -27.65 1.28
C ALA A 922 4.43 -26.62 1.59
N ALA A 923 3.56 -26.33 0.62
CA ALA A 923 2.50 -25.35 0.82
C ALA A 923 1.68 -25.70 2.06
N LEU A 924 1.20 -26.93 2.14
CA LEU A 924 0.36 -27.33 3.26
C LEU A 924 1.10 -27.23 4.59
N ASP A 925 2.41 -27.50 4.59
CA ASP A 925 3.21 -27.33 5.80
C ASP A 925 3.24 -25.86 6.23
N VAL A 926 3.53 -24.96 5.29
CA VAL A 926 3.50 -23.53 5.60
C VAL A 926 2.12 -23.13 6.11
N TYR A 927 1.07 -23.64 5.46
CA TYR A 927 -0.29 -23.31 5.88
C TYR A 927 -0.53 -23.72 7.33
N GLU A 928 -0.19 -24.97 7.67
CA GLU A 928 -0.43 -25.45 9.03
C GLU A 928 0.39 -24.68 10.05
N SER A 929 1.56 -24.18 9.65
CA SER A 929 2.43 -23.49 10.59
C SER A 929 1.98 -22.08 10.91
N THR A 930 1.09 -21.48 10.10
CA THR A 930 0.60 -20.14 10.39
C THR A 930 -0.17 -20.10 11.70
N THR A 931 -0.58 -21.25 12.24
CA THR A 931 -1.29 -21.26 13.50
C THR A 931 -0.36 -20.97 14.67
N THR A 932 0.92 -21.31 14.54
CA THR A 932 1.87 -21.21 15.65
C THR A 932 2.95 -20.15 15.47
N TRP A 933 3.16 -19.67 14.25
CA TRP A 933 4.18 -18.66 14.03
C TRP A 933 3.78 -17.32 14.64
N ARG A 934 4.79 -16.52 14.97
CA ARG A 934 4.60 -15.17 15.50
C ARG A 934 5.01 -14.18 14.42
N PHE A 935 4.02 -13.56 13.79
CA PHE A 935 4.29 -12.60 12.74
C PHE A 935 4.50 -11.21 13.33
N ARG A 936 5.35 -10.43 12.65
CA ARG A 936 5.56 -9.03 13.06
C ARG A 936 4.25 -8.26 13.09
N SER A 937 3.34 -8.59 12.19
CA SER A 937 2.08 -7.87 12.06
C SER A 937 1.05 -8.81 11.44
N GLU A 938 -0.22 -8.61 11.82
CA GLU A 938 -1.29 -9.40 11.23
C GLU A 938 -1.31 -9.26 9.71
N LEU A 939 -0.94 -8.09 9.20
CA LEU A 939 -0.87 -7.89 7.76
C LEU A 939 0.07 -8.90 7.11
N ASP A 940 1.22 -9.15 7.74
CA ASP A 940 2.14 -10.15 7.22
C ASP A 940 1.47 -11.51 7.10
N ARG A 941 0.76 -11.93 8.15
CA ARG A 941 0.05 -13.20 8.10
C ARG A 941 -1.03 -13.18 7.03
N SER A 942 -1.69 -12.03 6.83
CA SER A 942 -2.72 -11.95 5.80
C SER A 942 -2.12 -12.17 4.42
N ILE A 943 -0.91 -11.65 4.17
CA ILE A 943 -0.26 -11.87 2.90
C ILE A 943 0.07 -13.35 2.71
N LEU A 944 0.69 -13.96 3.71
CA LEU A 944 1.10 -15.35 3.59
C LEU A 944 -0.11 -16.26 3.41
N VAL A 945 -1.09 -16.14 4.30
CA VAL A 945 -2.29 -16.98 4.20
C VAL A 945 -2.99 -16.77 2.86
N ARG A 946 -3.03 -15.52 2.40
CA ARG A 946 -3.64 -15.24 1.09
C ARG A 946 -2.94 -16.03 -0.01
N ASP A 947 -1.61 -15.97 -0.04
CA ASP A 947 -0.86 -16.56 -1.15
C ASP A 947 -0.82 -18.08 -1.04
N VAL A 948 -0.71 -18.62 0.18
CA VAL A 948 -0.71 -20.07 0.35
C VAL A 948 -2.08 -20.65 0.01
N VAL A 949 -3.15 -20.05 0.54
CA VAL A 949 -4.50 -20.51 0.22
C VAL A 949 -4.74 -20.43 -1.27
N GLY A 950 -4.34 -19.33 -1.90
CA GLY A 950 -4.44 -19.24 -3.35
C GLY A 950 -3.74 -20.40 -4.04
N LEU A 951 -2.53 -20.72 -3.59
CA LEU A 951 -1.77 -21.81 -4.19
C LEU A 951 -2.51 -23.13 -4.09
N MET A 952 -2.93 -23.48 -2.87
CA MET A 952 -3.66 -24.74 -2.70
C MET A 952 -4.97 -24.72 -3.46
N HIS A 953 -5.60 -23.55 -3.58
CA HIS A 953 -6.84 -23.43 -4.36
C HIS A 953 -6.60 -23.79 -5.82
N LYS A 954 -5.51 -23.28 -6.40
CA LYS A 954 -5.16 -23.65 -7.78
C LYS A 954 -5.14 -25.16 -7.98
N LEU A 955 -4.76 -25.92 -6.95
CA LEU A 955 -4.71 -27.36 -7.07
C LEU A 955 -6.09 -27.99 -6.86
N VAL A 956 -6.88 -27.48 -5.91
CA VAL A 956 -8.22 -27.99 -5.69
C VAL A 956 -9.05 -27.86 -6.97
N VAL A 957 -8.79 -26.83 -7.78
CA VAL A 957 -9.53 -26.63 -9.02
C VAL A 957 -9.31 -27.79 -9.99
N HIS A 958 -8.22 -28.54 -9.85
CA HIS A 958 -7.92 -29.65 -10.73
C HIS A 958 -8.53 -30.96 -10.25
N ALA A 959 -9.59 -30.90 -9.43
CA ALA A 959 -10.27 -32.11 -9.00
C ALA A 959 -10.89 -32.87 -10.17
N HIS A 960 -11.16 -32.19 -11.28
CA HIS A 960 -11.72 -32.86 -12.45
C HIS A 960 -10.74 -33.84 -13.08
N THR A 961 -9.44 -33.65 -12.87
CA THR A 961 -8.44 -34.55 -13.41
C THR A 961 -8.32 -35.84 -12.61
N LEU A 962 -9.06 -35.99 -11.51
CA LEU A 962 -8.96 -37.18 -10.66
C LEU A 962 -9.87 -38.29 -11.19
N SER A 963 -9.57 -38.70 -12.43
CA SER A 963 -10.13 -39.91 -13.02
C SER A 963 -9.00 -40.64 -13.74
N SER A 964 -9.11 -41.97 -13.77
CA SER A 964 -7.99 -42.79 -14.23
C SER A 964 -7.52 -42.37 -15.63
N HIS A 965 -8.46 -42.10 -16.55
CA HIS A 965 -8.13 -41.74 -17.92
C HIS A 965 -8.22 -40.24 -18.16
N LEU A 966 -8.06 -39.43 -17.11
CA LEU A 966 -8.08 -37.98 -17.26
C LEU A 966 -7.04 -37.29 -16.38
N THR A 967 -6.00 -38.02 -15.96
CA THR A 967 -5.00 -37.45 -15.08
C THR A 967 -4.17 -36.42 -15.84
N SER A 968 -3.48 -35.57 -15.08
CA SER A 968 -2.53 -34.61 -15.63
C SER A 968 -1.35 -34.50 -14.67
N THR A 969 -0.38 -33.66 -15.05
CA THR A 969 0.83 -33.51 -14.24
C THR A 969 0.51 -32.97 -12.85
N LEU A 970 -0.66 -32.37 -12.65
CA LEU A 970 -1.05 -31.83 -11.36
C LEU A 970 -1.94 -32.76 -10.56
N SER A 971 -2.28 -33.93 -11.09
CA SER A 971 -3.21 -34.81 -10.39
C SER A 971 -2.69 -35.21 -9.01
N PRO A 972 -1.48 -35.76 -8.86
CA PRO A 972 -1.02 -36.11 -7.50
C PRO A 972 -1.02 -34.91 -6.55
N ALA A 973 -0.50 -33.77 -7.00
CA ALA A 973 -0.53 -32.57 -6.16
C ALA A 973 -1.95 -32.22 -5.76
N ALA A 974 -2.90 -32.30 -6.70
CA ALA A 974 -4.29 -32.02 -6.37
C ALA A 974 -4.82 -33.02 -5.34
N ALA A 975 -4.49 -34.30 -5.51
CA ALA A 975 -4.98 -35.32 -4.58
C ALA A 975 -4.42 -35.11 -3.18
N HIS A 976 -3.21 -34.56 -3.07
CA HIS A 976 -2.62 -34.34 -1.76
C HIS A 976 -3.35 -33.24 -1.01
N ILE A 977 -3.74 -32.17 -1.71
CA ILE A 977 -4.47 -31.08 -1.08
C ILE A 977 -5.90 -31.51 -0.79
N ILE A 978 -6.61 -32.01 -1.81
CA ILE A 978 -8.01 -32.37 -1.65
C ILE A 978 -8.19 -33.38 -0.53
N SER A 979 -7.36 -34.42 -0.50
CA SER A 979 -7.48 -35.43 0.54
C SER A 979 -7.06 -34.92 1.91
N SER A 980 -6.26 -33.87 1.98
CA SER A 980 -5.85 -33.34 3.27
C SER A 980 -6.94 -32.51 3.92
N PHE A 981 -7.75 -31.80 3.13
CA PHE A 981 -8.83 -30.99 3.69
C PHE A 981 -10.14 -31.77 3.74
N LEU A 982 -10.44 -32.56 2.71
CA LEU A 982 -11.52 -33.52 2.79
C LEU A 982 -11.03 -34.79 3.45
N THR A 983 -11.89 -35.40 4.25
CA THR A 983 -11.59 -36.65 4.95
C THR A 983 -10.21 -36.67 5.63
N PRO A 984 -9.87 -35.70 6.48
CA PRO A 984 -8.72 -35.87 7.37
C PRO A 984 -9.16 -36.32 8.75
N PRO A 985 -8.28 -36.91 9.55
CA PRO A 985 -8.64 -37.29 10.92
C PRO A 985 -8.88 -36.05 11.78
N PRO A 986 -9.40 -36.23 13.00
CA PRO A 986 -9.81 -35.08 13.82
C PRO A 986 -8.69 -34.07 14.07
N SER A 987 -7.58 -34.51 14.67
CA SER A 987 -6.51 -33.58 15.01
C SER A 987 -6.04 -32.79 13.80
N ALA A 988 -5.81 -33.48 12.68
CA ALA A 988 -5.39 -32.80 11.46
C ALA A 988 -6.52 -31.93 10.91
N SER A 989 -7.77 -32.36 11.06
CA SER A 989 -8.90 -31.55 10.62
C SER A 989 -8.93 -30.22 11.38
N SER A 990 -8.83 -30.29 12.70
CA SER A 990 -8.78 -29.08 13.51
C SER A 990 -7.61 -28.18 13.11
N LEU A 991 -6.43 -28.78 12.92
CA LEU A 991 -5.25 -28.00 12.59
C LEU A 991 -5.42 -27.26 11.27
N ARG A 992 -5.98 -27.93 10.26
CA ARG A 992 -6.09 -27.34 8.94
C ARG A 992 -7.29 -26.41 8.80
N PHE A 993 -8.17 -26.34 9.81
CA PHE A 993 -9.30 -25.42 9.77
C PHE A 993 -9.04 -24.13 10.55
N GLN A 994 -8.09 -24.13 11.48
CA GLN A 994 -7.85 -22.93 12.27
C GLN A 994 -7.43 -21.73 11.42
N PRO A 995 -6.53 -21.86 10.45
CA PRO A 995 -6.23 -20.69 9.61
C PRO A 995 -7.47 -20.12 8.95
N LEU A 996 -8.41 -20.97 8.55
CA LEU A 996 -9.66 -20.49 7.97
C LEU A 996 -10.50 -19.80 9.04
N LEU A 997 -10.67 -20.45 10.18
CA LEU A 997 -11.41 -19.84 11.29
C LEU A 997 -10.75 -18.55 11.75
N GLY A 998 -9.42 -18.53 11.80
CA GLY A 998 -8.72 -17.31 12.18
C GLY A 998 -8.92 -16.19 11.19
N THR A 999 -9.04 -16.51 9.90
CA THR A 999 -9.32 -15.49 8.90
C THR A 999 -10.70 -14.88 9.12
N LEU A 1000 -11.71 -15.72 9.36
CA LEU A 1000 -13.05 -15.22 9.61
C LEU A 1000 -13.08 -14.31 10.84
N LEU A 1001 -12.34 -14.68 11.88
CA LEU A 1001 -12.33 -13.87 13.10
C LEU A 1001 -11.65 -12.53 12.87
N VAL A 1002 -10.48 -12.54 12.22
CA VAL A 1002 -9.77 -11.30 11.98
C VAL A 1002 -10.62 -10.34 11.16
N ALA A 1003 -11.45 -10.88 10.26
CA ALA A 1003 -12.30 -10.02 9.43
C ALA A 1003 -13.36 -9.29 10.26
N LEU A 1004 -13.79 -9.89 11.37
CA LEU A 1004 -14.86 -9.32 12.17
C LEU A 1004 -14.37 -8.34 13.23
N ILE A 1005 -13.13 -8.48 13.70
CA ILE A 1005 -12.60 -7.64 14.75
C ILE A 1005 -11.70 -6.53 14.23
N THR A 1006 -11.48 -6.45 12.91
CA THR A 1006 -10.64 -5.41 12.35
C THR A 1006 -11.48 -4.16 12.12
N PRO A 1007 -11.20 -3.05 12.80
CA PRO A 1007 -12.02 -1.84 12.61
C PRO A 1007 -11.96 -1.36 11.16
N ARG A 1008 -13.11 -0.91 10.66
CA ARG A 1008 -13.15 -0.28 9.35
C ARG A 1008 -12.26 0.95 9.34
N ALA A 1009 -11.77 1.31 8.16
CA ALA A 1009 -10.88 2.45 8.03
C ALA A 1009 -11.04 3.07 6.65
N THR A 1010 -10.77 4.38 6.58
CA THR A 1010 -10.75 5.11 5.32
C THR A 1010 -9.35 5.36 4.80
N LEU A 1011 -8.33 5.22 5.66
CA LEU A 1011 -6.95 5.30 5.26
C LEU A 1011 -6.39 3.90 5.11
N TYR A 1012 -5.08 3.80 4.86
CA TYR A 1012 -4.40 2.53 4.67
C TYR A 1012 -5.18 1.61 3.72
N PRO A 1013 -5.51 2.08 2.52
CA PRO A 1013 -6.28 1.24 1.60
C PRO A 1013 -5.60 -0.07 1.27
N GLY A 1014 -4.27 -0.08 1.18
CA GLY A 1014 -3.57 -1.31 0.85
C GLY A 1014 -3.77 -2.39 1.89
N GLN A 1015 -3.66 -2.03 3.17
CA GLN A 1015 -3.90 -3.01 4.23
C GLN A 1015 -5.32 -3.54 4.17
N SER A 1016 -6.29 -2.67 3.90
CA SER A 1016 -7.68 -3.10 3.81
C SER A 1016 -7.89 -4.05 2.65
N ARG A 1017 -7.32 -3.73 1.49
CA ARG A 1017 -7.46 -4.58 0.31
C ARG A 1017 -6.88 -5.97 0.58
N ILE A 1018 -5.67 -6.02 1.16
CA ILE A 1018 -5.01 -7.30 1.41
C ILE A 1018 -5.87 -8.17 2.33
N LEU A 1019 -6.39 -7.58 3.41
CA LEU A 1019 -7.26 -8.34 4.30
C LEU A 1019 -8.46 -8.90 3.55
N ALA A 1020 -9.09 -8.09 2.70
CA ALA A 1020 -10.22 -8.58 1.91
C ALA A 1020 -9.79 -9.73 1.01
N GLU A 1021 -8.64 -9.59 0.34
CA GLU A 1021 -8.14 -10.67 -0.51
C GLU A 1021 -7.91 -11.94 0.30
N ARG A 1022 -7.40 -11.80 1.52
CA ARG A 1022 -7.25 -12.96 2.40
C ARG A 1022 -8.61 -13.63 2.64
N VAL A 1023 -9.58 -12.87 3.14
CA VAL A 1023 -10.88 -13.45 3.48
C VAL A 1023 -11.54 -14.03 2.24
N THR A 1024 -11.48 -13.33 1.12
CA THR A 1024 -12.09 -13.84 -0.11
C THR A 1024 -11.42 -15.14 -0.53
N SER A 1025 -10.11 -15.26 -0.33
CA SER A 1025 -9.42 -16.51 -0.63
C SER A 1025 -9.96 -17.65 0.22
N VAL A 1026 -10.06 -17.43 1.53
CA VAL A 1026 -10.53 -18.48 2.43
C VAL A 1026 -11.94 -18.91 2.05
N LEU A 1027 -12.83 -17.95 1.76
CA LEU A 1027 -14.20 -18.29 1.41
C LEU A 1027 -14.26 -19.07 0.10
N ALA A 1028 -13.55 -18.58 -0.92
CA ALA A 1028 -13.55 -19.28 -2.21
C ALA A 1028 -12.90 -20.64 -2.10
N PHE A 1029 -11.79 -20.73 -1.36
CA PHE A 1029 -11.14 -22.01 -1.14
C PHE A 1029 -12.10 -23.02 -0.50
N CYS A 1030 -12.79 -22.62 0.57
CA CYS A 1030 -13.76 -23.50 1.20
C CYS A 1030 -14.86 -23.91 0.23
N THR A 1031 -15.30 -22.98 -0.62
CA THR A 1031 -16.40 -23.28 -1.55
C THR A 1031 -15.99 -24.39 -2.52
N SER A 1032 -14.80 -24.27 -3.11
CA SER A 1032 -14.35 -25.25 -4.09
C SER A 1032 -14.12 -26.60 -3.45
N LEU A 1033 -13.63 -26.63 -2.21
CA LEU A 1033 -13.48 -27.91 -1.51
C LEU A 1033 -14.82 -28.62 -1.39
N LEU A 1034 -15.86 -27.89 -0.97
CA LEU A 1034 -17.19 -28.48 -0.87
C LEU A 1034 -17.66 -28.99 -2.23
N ARG A 1035 -17.48 -28.19 -3.27
CA ARG A 1035 -17.88 -28.62 -4.61
C ARG A 1035 -17.07 -29.84 -5.06
N ALA A 1036 -15.77 -29.86 -4.75
CA ALA A 1036 -14.94 -31.00 -5.12
C ALA A 1036 -15.36 -32.25 -4.36
N ALA A 1037 -15.73 -32.10 -3.08
CA ALA A 1037 -16.20 -33.24 -2.31
C ALA A 1037 -17.46 -33.83 -2.94
N ASP A 1038 -18.43 -32.98 -3.28
CA ASP A 1038 -19.64 -33.46 -3.93
C ASP A 1038 -19.32 -34.17 -5.23
N PHE A 1039 -18.34 -33.65 -5.98
CA PHE A 1039 -17.98 -34.25 -7.27
C PHE A 1039 -17.27 -35.58 -7.11
N LEU A 1040 -16.48 -35.75 -6.06
CA LEU A 1040 -15.69 -36.95 -5.86
C LEU A 1040 -16.40 -38.03 -5.05
N GLY A 1041 -17.59 -37.74 -4.53
CA GLY A 1041 -18.34 -38.74 -3.79
C GLY A 1041 -17.98 -38.86 -2.32
N GLN A 1042 -17.22 -37.92 -1.77
CA GLN A 1042 -16.85 -37.97 -0.36
C GLN A 1042 -18.06 -37.63 0.49
N THR A 1043 -18.52 -38.60 1.29
CA THR A 1043 -19.75 -38.43 2.06
C THR A 1043 -19.50 -37.71 3.37
N HIS A 1044 -18.63 -38.24 4.22
CA HIS A 1044 -18.34 -37.67 5.53
C HIS A 1044 -17.25 -36.61 5.36
N ILE A 1045 -17.64 -35.35 5.53
CA ILE A 1045 -16.72 -34.22 5.36
C ILE A 1045 -16.67 -33.43 6.67
N PRO A 1046 -15.58 -33.49 7.44
CA PRO A 1046 -15.50 -32.63 8.63
C PRO A 1046 -15.61 -31.15 8.31
N LEU A 1047 -15.11 -30.72 7.14
CA LEU A 1047 -15.20 -29.31 6.77
C LEU A 1047 -16.66 -28.83 6.74
N GLN A 1048 -17.58 -29.71 6.37
CA GLN A 1048 -18.99 -29.37 6.44
C GLN A 1048 -19.40 -29.02 7.86
N THR A 1049 -19.08 -29.90 8.82
CA THR A 1049 -19.41 -29.64 10.21
C THR A 1049 -18.68 -28.40 10.72
N HIS A 1050 -17.40 -28.25 10.36
CA HIS A 1050 -16.64 -27.10 10.82
C HIS A 1050 -17.31 -25.80 10.40
N LEU A 1051 -17.86 -25.74 9.18
CA LEU A 1051 -18.40 -24.49 8.66
C LEU A 1051 -19.77 -24.16 9.26
N PHE A 1052 -20.61 -25.17 9.49
CA PHE A 1052 -21.88 -24.91 10.17
C PHE A 1052 -21.64 -24.31 11.54
N GLN A 1053 -20.72 -24.90 12.31
CA GLN A 1053 -20.38 -24.37 13.62
C GLN A 1053 -19.73 -22.99 13.52
N SER A 1054 -19.24 -22.62 12.35
CA SER A 1054 -18.70 -21.28 12.10
C SER A 1054 -19.70 -20.38 11.40
N ALA A 1055 -20.92 -20.87 11.13
CA ALA A 1055 -21.90 -20.08 10.40
C ALA A 1055 -22.14 -18.74 11.07
N CYS A 1056 -22.13 -18.71 12.40
CA CYS A 1056 -22.32 -17.45 13.11
C CYS A 1056 -21.29 -16.41 12.70
N LEU A 1057 -20.11 -16.85 12.25
CA LEU A 1057 -19.11 -15.93 11.75
C LEU A 1057 -19.36 -15.57 10.29
N LEU A 1058 -19.78 -16.55 9.49
CA LEU A 1058 -20.02 -16.30 8.07
C LEU A 1058 -21.18 -15.32 7.87
N ALA A 1059 -22.24 -15.46 8.68
CA ALA A 1059 -23.38 -14.58 8.55
C ALA A 1059 -23.05 -13.13 8.89
N ARG A 1060 -22.01 -12.90 9.69
CA ARG A 1060 -21.67 -11.56 10.14
C ARG A 1060 -20.67 -10.86 9.22
N LEU A 1061 -19.98 -11.60 8.36
CA LEU A 1061 -19.00 -10.97 7.47
C LEU A 1061 -19.62 -9.95 6.54
N PRO A 1062 -20.75 -10.23 5.85
CA PRO A 1062 -21.34 -9.18 5.02
C PRO A 1062 -21.72 -7.94 5.80
N ALA A 1063 -22.05 -8.08 7.08
CA ALA A 1063 -22.33 -6.91 7.91
C ALA A 1063 -21.05 -6.14 8.21
N ALA A 1064 -19.91 -6.82 8.33
CA ALA A 1064 -18.65 -6.13 8.57
C ALA A 1064 -18.18 -5.41 7.31
N ASN A 1065 -18.26 -6.06 6.16
CA ASN A 1065 -17.78 -5.48 4.91
C ASN A 1065 -18.61 -6.06 3.77
N ALA A 1066 -19.28 -5.20 3.01
CA ALA A 1066 -20.13 -5.66 1.93
C ALA A 1066 -19.38 -6.49 0.89
N VAL A 1067 -18.05 -6.35 0.82
CA VAL A 1067 -17.28 -7.12 -0.15
C VAL A 1067 -17.50 -8.61 0.05
N TYR A 1068 -17.79 -9.04 1.28
CA TYR A 1068 -17.91 -10.44 1.62
C TYR A 1068 -19.29 -11.02 1.35
N ARG A 1069 -20.26 -10.19 0.98
CA ARG A 1069 -21.63 -10.67 0.81
C ARG A 1069 -21.70 -11.78 -0.24
N ALA A 1070 -21.30 -11.47 -1.48
CA ALA A 1070 -21.38 -12.47 -2.54
C ALA A 1070 -20.55 -13.70 -2.21
N PRO A 1071 -19.28 -13.58 -1.80
CA PRO A 1071 -18.53 -14.77 -1.38
C PRO A 1071 -19.25 -15.60 -0.33
N VAL A 1072 -19.69 -14.97 0.75
CA VAL A 1072 -20.36 -15.70 1.83
C VAL A 1072 -21.60 -16.43 1.29
N LEU A 1073 -22.33 -15.81 0.37
CA LEU A 1073 -23.55 -16.45 -0.12
C LEU A 1073 -23.24 -17.65 -1.01
N GLU A 1074 -22.22 -17.54 -1.86
CA GLU A 1074 -21.84 -18.68 -2.70
C GLU A 1074 -21.33 -19.83 -1.84
N LEU A 1075 -20.67 -19.54 -0.72
CA LEU A 1075 -20.22 -20.59 0.18
C LEU A 1075 -21.39 -21.23 0.90
N LEU A 1076 -22.24 -20.42 1.54
CA LEU A 1076 -23.39 -20.96 2.25
C LEU A 1076 -24.30 -21.74 1.32
N ARG A 1077 -24.38 -21.35 0.05
CA ARG A 1077 -25.16 -22.13 -0.91
C ARG A 1077 -24.50 -23.47 -1.17
N ALA A 1078 -23.19 -23.46 -1.43
CA ALA A 1078 -22.46 -24.72 -1.61
C ALA A 1078 -22.58 -25.61 -0.38
N LEU A 1079 -22.48 -25.01 0.81
CA LEU A 1079 -22.58 -25.80 2.03
C LEU A 1079 -23.95 -26.47 2.13
N VAL A 1080 -25.02 -25.71 1.90
CA VAL A 1080 -26.37 -26.27 2.01
C VAL A 1080 -26.62 -27.31 0.92
N GLU A 1081 -26.14 -27.05 -0.29
CA GLU A 1081 -26.38 -27.99 -1.38
C GLU A 1081 -25.60 -29.29 -1.19
N VAL A 1082 -24.34 -29.19 -0.77
CA VAL A 1082 -23.53 -30.40 -0.58
C VAL A 1082 -24.08 -31.22 0.58
N ALA A 1083 -24.47 -30.57 1.67
CA ALA A 1083 -25.03 -31.29 2.81
C ALA A 1083 -26.38 -31.92 2.48
N GLY A 1084 -27.12 -31.32 1.54
CA GLY A 1084 -28.46 -31.82 1.25
C GLY A 1084 -28.47 -33.20 0.61
N ARG A 1085 -27.43 -33.54 -0.14
CA ARG A 1085 -27.37 -34.84 -0.80
C ARG A 1085 -27.33 -35.96 0.22
N GLU A 1092 -32.24 -35.84 6.83
CA GLU A 1092 -32.35 -34.74 7.77
C GLU A 1092 -31.02 -33.99 7.86
N PRO A 1093 -30.81 -33.02 6.97
CA PRO A 1093 -29.53 -32.30 6.94
C PRO A 1093 -29.45 -31.26 8.03
N PRO A 1094 -28.29 -30.67 8.25
CA PRO A 1094 -28.18 -29.61 9.26
C PRO A 1094 -28.92 -28.35 8.84
N SER A 1095 -29.33 -27.57 9.84
CA SER A 1095 -30.11 -26.36 9.62
C SER A 1095 -29.18 -25.15 9.71
N LEU A 1096 -28.99 -24.45 8.60
CA LEU A 1096 -28.18 -23.24 8.60
C LEU A 1096 -28.69 -22.25 9.65
N LEU A 1097 -29.99 -21.91 9.58
CA LEU A 1097 -30.56 -20.95 10.51
C LEU A 1097 -30.59 -21.50 11.94
N GLY A 1098 -30.56 -22.83 12.10
CA GLY A 1098 -30.46 -23.40 13.44
C GLY A 1098 -29.13 -23.11 14.10
N TYR A 1099 -28.06 -23.08 13.32
CA TYR A 1099 -26.74 -22.74 13.86
C TYR A 1099 -26.58 -21.25 14.11
N LEU A 1100 -27.19 -20.41 13.27
CA LEU A 1100 -27.08 -18.97 13.46
C LEU A 1100 -27.80 -18.51 14.71
N GLY A 1101 -28.96 -19.11 14.99
CA GLY A 1101 -29.80 -18.65 16.08
C GLY A 1101 -30.99 -17.83 15.59
N SER A 1102 -32.02 -17.76 16.43
CA SER A 1102 -33.24 -17.06 16.06
C SER A 1102 -32.95 -15.62 15.69
N HIS A 1103 -32.15 -14.93 16.51
CA HIS A 1103 -31.93 -13.50 16.31
C HIS A 1103 -31.01 -13.24 15.12
N ALA A 1104 -29.85 -13.92 15.08
CA ALA A 1104 -28.91 -13.70 14.00
C ALA A 1104 -29.52 -14.05 12.65
N ALA A 1105 -30.27 -15.16 12.59
CA ALA A 1105 -30.89 -15.57 11.33
C ALA A 1105 -31.78 -14.46 10.77
N ARG A 1106 -32.60 -13.86 11.64
CA ARG A 1106 -33.51 -12.81 11.21
C ARG A 1106 -32.74 -11.63 10.60
N SER A 1107 -31.76 -11.11 11.34
CA SER A 1107 -31.00 -9.96 10.84
C SER A 1107 -30.20 -10.31 9.60
N PHE A 1108 -29.75 -11.56 9.47
CA PHE A 1108 -28.97 -11.94 8.31
C PHE A 1108 -29.83 -11.98 7.06
N ILE A 1109 -30.98 -12.65 7.12
CA ILE A 1109 -31.90 -12.69 5.99
C ILE A 1109 -32.37 -11.28 5.64
N SER A 1110 -32.44 -10.39 6.62
CA SER A 1110 -32.79 -9.00 6.34
C SER A 1110 -31.70 -8.33 5.52
N LEU A 1111 -30.44 -8.47 5.94
CA LEU A 1111 -29.33 -7.91 5.19
C LEU A 1111 -29.33 -8.44 3.76
N VAL A 1112 -29.51 -9.76 3.61
CA VAL A 1112 -29.48 -10.36 2.28
C VAL A 1112 -30.73 -9.99 1.48
N GLU A 1113 -31.83 -9.66 2.15
CA GLU A 1113 -33.02 -9.21 1.43
C GLU A 1113 -32.84 -7.85 0.76
N GLY A 1114 -31.69 -7.20 0.95
CA GLY A 1114 -31.40 -5.99 0.20
C GLY A 1114 -31.11 -6.27 -1.26
N ILE A 1115 -30.41 -7.36 -1.55
CA ILE A 1115 -30.22 -7.82 -2.92
C ILE A 1115 -29.44 -6.76 -3.70
N ASP A 1116 -28.33 -6.32 -3.13
CA ASP A 1116 -27.50 -5.28 -3.75
C ASP A 1116 -28.34 -4.05 -4.11
N LYS A 1117 -29.33 -3.75 -3.27
CA LYS A 1117 -30.34 -2.74 -3.57
C LYS A 1117 -29.75 -1.47 -4.14
N PRO A 1118 -28.85 -0.77 -3.43
CA PRO A 1118 -28.47 0.58 -3.88
C PRO A 1118 -27.92 0.60 -5.30
N PHE A 1119 -27.17 -0.41 -5.70
CA PHE A 1119 -26.52 -0.44 -7.01
C PHE A 1119 -27.24 -1.31 -8.03
N GLY A 1120 -27.77 -2.45 -7.61
CA GLY A 1120 -28.46 -3.34 -8.52
C GLY A 1120 -27.55 -3.93 -9.57
N ARG A 1121 -26.39 -4.41 -9.15
CA ARG A 1121 -25.45 -5.07 -10.05
C ARG A 1121 -25.97 -6.47 -10.39
N VAL A 1122 -25.94 -6.81 -11.69
CA VAL A 1122 -26.57 -8.04 -12.16
C VAL A 1122 -25.95 -9.26 -11.48
N GLU A 1123 -24.62 -9.34 -11.49
CA GLU A 1123 -23.95 -10.50 -10.93
C GLU A 1123 -24.28 -10.67 -9.45
N HIS A 1124 -24.44 -9.56 -8.71
CA HIS A 1124 -24.78 -9.66 -7.30
C HIS A 1124 -26.22 -10.09 -7.10
N ALA A 1125 -27.13 -9.62 -7.96
CA ALA A 1125 -28.53 -10.01 -7.85
C ALA A 1125 -28.71 -11.50 -8.07
N VAL A 1126 -28.04 -12.05 -9.09
CA VAL A 1126 -28.20 -13.47 -9.39
C VAL A 1126 -27.66 -14.33 -8.26
N VAL A 1127 -26.50 -13.97 -7.70
CA VAL A 1127 -25.95 -14.71 -6.58
C VAL A 1127 -26.97 -14.75 -5.44
N THR A 1128 -27.54 -13.59 -5.09
CA THR A 1128 -28.48 -13.53 -3.98
C THR A 1128 -29.65 -14.47 -4.21
N TRP A 1129 -30.16 -14.55 -5.44
CA TRP A 1129 -31.37 -15.33 -5.69
C TRP A 1129 -31.09 -16.81 -5.78
N ARG A 1130 -29.97 -17.21 -6.37
CA ARG A 1130 -29.57 -18.61 -6.28
C ARG A 1130 -29.47 -19.04 -4.83
N PHE A 1131 -28.98 -18.15 -3.95
CA PHE A 1131 -28.92 -18.45 -2.53
C PHE A 1131 -30.30 -18.68 -1.96
N PHE A 1132 -31.20 -17.69 -2.13
CA PHE A 1132 -32.57 -17.84 -1.61
C PHE A 1132 -33.25 -19.07 -2.18
N ALA A 1133 -33.07 -19.33 -3.48
CA ALA A 1133 -33.73 -20.48 -4.09
C ALA A 1133 -33.18 -21.80 -3.55
N ALA A 1134 -31.93 -21.83 -3.10
CA ALA A 1134 -31.33 -23.06 -2.61
C ALA A 1134 -31.43 -23.23 -1.10
N VAL A 1135 -31.40 -22.14 -0.34
CA VAL A 1135 -31.30 -22.20 1.11
C VAL A 1135 -32.65 -22.03 1.77
N ILE A 1136 -33.40 -21.01 1.37
CA ILE A 1136 -34.66 -20.65 2.02
C ILE A 1136 -35.79 -21.39 1.31
N ARG A 1137 -36.36 -22.37 1.99
CA ARG A 1137 -37.49 -23.12 1.45
C ARG A 1137 -38.79 -22.39 1.76
N ASN A 1138 -39.55 -22.08 0.72
CA ASN A 1138 -40.79 -21.33 0.85
C ASN A 1138 -41.75 -22.00 1.83
#